data_9BUX
#
_entry.id   9BUX
#
loop_
_entity.id
_entity.type
_entity.pdbx_description
1 polymer 'Vitamin K-dependent gamma-carboxylase'
2 polymer Osteocalcin
3 branched 2-acetamido-2-deoxy-beta-D-glucopyranose-(1-4)-2-acetamido-2-deoxy-beta-D-glucopyranose
4 non-polymer 2-acetamido-2-deoxy-beta-D-glucopyranose
5 non-polymer CHOLESTEROL
6 non-polymer '(2S)-3-(hexadecanoyloxy)-2-[(9Z)-octadec-9-enoyloxy]propyl 2-(trimethylammonio)ethyl phosphate'
7 non-polymer (1aR,7aS)-1a-methyl-7a-[(2E,6E,10E)-3,7,11,15-tetramethylhexadeca-2,6,10,14-tetraen-1-yl]-1a,7a-dihydronaphtho[2,3-b]oxirene-2,7-dione
#
loop_
_entity_poly.entity_id
_entity_poly.type
_entity_poly.pdbx_seq_one_letter_code
_entity_poly.pdbx_strand_id
1 'polypeptide(L)'
;MAVSAGSARTSPSSDKVQKDKAELISGPRQDSRIGKLLGFEWTDLSSWRRLVTLLNRPTDPASLAVFRFLFGFLMVLDIP
QERGLSSLDRKYLDGLDVCRFPLLDALRPLPLDWMYLVYTIMFLGALGMMLGLCYRISCVLFLLPYWYVFLLDKTSWNNH
SYLYGLLAFQLTFMDANHYWSVDGLLNAHRRNAHVPLWNYAVLRGQIFIVYFIAGVKKLDADWVEGYSMEYLSRHWLFSP
FKLLLSEELTSLLVVHWGGLLLDLSAGFLLFFDVSRSIGLFFVSYFHCMNSQLFSIGMFSYVMLASSPLFCSPEWPRKLV
SYCPRRLQQLLPLKAAPQPSVSCVYKRSRGKSGQKPGLRHQLGAAFTLLYLLEQLFLPYSHFLTQGYNNWTNGLYGYSWD
MMVHSRSHQHVKITYRDGRTGELGYLNPGVFTQSRRWKDHADMLKQYATCLSRLLPKYNVTEPQIYFDIWVSINDRFQQR
IFDPRVDIVQAAWSPFQRTSWVQPLLMDLSPWRAKLQEIKSSLDNHTEVVFIADFPGLHLENFVSEDLGNTSIQLLQGEV
TVELVAEQKNQTLREGEKMQLPAGEYHKVYTTSPSPSCYMYVYVNTTELALEQDLAYLQELKEKVENGSETGPLPPELQP
LLEGEVKGGPEPTPLVQTFLRRQQRLQEIERRRNTPFHERFFRFLLRKLYVFRRSFLMTCISLRNLILGRPSLEQLAQEV
TYANLRPFEAVGELNPSNTDSSHSNPPESNPDPVHSEFDYKDDDDK
;
A
2 'polypeptide(L)'
;MRALTLLALLALAALCIAGQAGAKPSGAESSKGAAFVSKQEGSEVVKRPRRYLYQWLGAPVPYPDPLEPRREVCELNPDC
DELADHIGFQEAYRRFYGPVHHHHHH
;
B
#
loop_
_chem_comp.id
_chem_comp.type
_chem_comp.name
_chem_comp.formula
A1AT1 non-polymer (1aR,7aS)-1a-methyl-7a-[(2E,6E,10E)-3,7,11,15-tetramethylhexadeca-2,6,10,14-tetraen-1-yl]-1a,7a-dihydronaphtho[2,3-b]oxirene-2,7-dione 'C31 H40 O3'
CLR non-polymer CHOLESTEROL 'C27 H46 O'
NAG D-saccharide, beta linking 2-acetamido-2-deoxy-beta-D-glucopyranose 'C8 H15 N O6'
POV non-polymer '(2S)-3-(hexadecanoyloxy)-2-[(9Z)-octadec-9-enoyloxy]propyl 2-(trimethylammonio)ethyl phosphate' 'C42 H82 N O8 P'
#
# COMPACT_ATOMS: atom_id res chain seq x y z
N SER A 32 14.49 -3.44 -44.02
CA SER A 32 13.79 -4.66 -43.64
C SER A 32 12.48 -4.33 -42.94
N ARG A 33 11.51 -5.24 -43.09
CA ARG A 33 10.21 -5.04 -42.45
C ARG A 33 10.29 -5.20 -40.94
N ILE A 34 11.05 -6.19 -40.48
CA ILE A 34 11.22 -6.40 -39.04
C ILE A 34 12.14 -5.36 -38.41
N GLY A 35 13.21 -4.95 -39.11
CA GLY A 35 14.21 -4.09 -38.50
C GLY A 35 13.72 -2.69 -38.21
N LYS A 36 12.78 -2.19 -39.02
CA LYS A 36 12.17 -0.91 -38.71
C LYS A 36 10.99 -1.05 -37.76
N LEU A 37 10.59 -2.28 -37.44
CA LEU A 37 9.47 -2.53 -36.55
C LEU A 37 9.91 -2.86 -35.13
N LEU A 38 10.87 -3.77 -34.98
CA LEU A 38 11.40 -4.12 -33.67
C LEU A 38 12.64 -3.33 -33.30
N GLY A 39 13.18 -2.51 -34.19
CA GLY A 39 14.39 -1.78 -33.94
C GLY A 39 15.67 -2.52 -34.23
N PHE A 40 15.61 -3.83 -34.47
CA PHE A 40 16.79 -4.64 -34.71
C PHE A 40 16.44 -5.75 -35.68
N GLU A 41 17.48 -6.40 -36.21
CA GLU A 41 17.31 -7.53 -37.10
C GLU A 41 17.47 -8.84 -36.32
N TRP A 42 16.98 -9.93 -36.93
CA TRP A 42 17.12 -11.23 -36.31
C TRP A 42 18.55 -11.74 -36.31
N THR A 43 19.41 -11.22 -37.20
CA THR A 43 20.82 -11.59 -37.21
C THR A 43 21.58 -10.96 -36.04
N ASP A 44 21.02 -9.95 -35.39
CA ASP A 44 21.67 -9.36 -34.23
C ASP A 44 21.59 -10.27 -33.01
N LEU A 45 20.67 -11.22 -32.99
CA LEU A 45 20.55 -12.18 -31.90
C LEU A 45 21.22 -13.51 -32.22
N SER A 46 22.10 -13.55 -33.22
CA SER A 46 22.67 -14.81 -33.67
C SER A 46 23.91 -15.22 -32.89
N SER A 47 24.50 -14.31 -32.12
CA SER A 47 25.69 -14.63 -31.34
C SER A 47 25.65 -13.86 -30.03
N TRP A 48 26.69 -14.04 -29.22
CA TRP A 48 26.82 -13.24 -28.01
C TRP A 48 27.60 -11.97 -28.28
N ARG A 49 28.58 -12.02 -29.20
CA ARG A 49 29.29 -10.82 -29.60
C ARG A 49 28.39 -9.89 -30.39
N ARG A 50 27.46 -10.43 -31.18
CA ARG A 50 26.49 -9.61 -31.90
C ARG A 50 25.37 -9.12 -31.00
N LEU A 51 25.19 -9.73 -29.83
CA LEU A 51 24.15 -9.27 -28.91
C LEU A 51 24.66 -8.17 -28.00
N VAL A 52 25.93 -8.24 -27.57
CA VAL A 52 26.53 -7.15 -26.82
C VAL A 52 26.69 -5.93 -27.71
N THR A 53 27.01 -6.14 -29.00
CA THR A 53 27.06 -5.05 -29.97
C THR A 53 25.70 -4.41 -30.17
N LEU A 54 24.63 -5.20 -30.14
CA LEU A 54 23.29 -4.62 -30.25
C LEU A 54 22.91 -3.89 -28.96
N LEU A 55 23.18 -4.48 -27.80
CA LEU A 55 22.73 -3.89 -26.55
C LEU A 55 23.67 -2.83 -26.00
N ASN A 56 24.80 -2.58 -26.66
CA ASN A 56 25.64 -1.43 -26.35
C ASN A 56 25.77 -0.49 -27.54
N ARG A 57 24.69 -0.38 -28.31
CA ARG A 57 24.65 0.51 -29.45
C ARG A 57 24.67 1.96 -28.97
N PRO A 58 25.37 2.86 -29.66
CA PRO A 58 25.40 4.27 -29.24
C PRO A 58 24.05 4.93 -29.42
N THR A 59 23.41 5.24 -28.29
CA THR A 59 22.06 5.77 -28.25
C THR A 59 22.10 7.13 -27.59
N ASP A 60 21.21 8.03 -28.01
CA ASP A 60 21.19 9.41 -27.53
C ASP A 60 20.87 9.47 -26.04
N PRO A 61 21.58 10.29 -25.27
CA PRO A 61 21.42 10.29 -23.81
C PRO A 61 20.24 11.10 -23.30
N ALA A 62 19.46 11.74 -24.16
CA ALA A 62 18.62 12.84 -23.72
C ALA A 62 17.33 12.35 -23.06
N SER A 63 16.73 11.26 -23.57
CA SER A 63 15.52 10.74 -22.96
C SER A 63 15.81 10.07 -21.62
N LEU A 64 17.02 9.53 -21.47
CA LEU A 64 17.43 8.91 -20.22
C LEU A 64 17.68 9.94 -19.14
N ALA A 65 18.07 11.15 -19.53
CA ALA A 65 18.46 12.18 -18.57
C ALA A 65 17.29 13.05 -18.14
N VAL A 66 16.22 13.09 -18.92
CA VAL A 66 15.01 13.76 -18.46
C VAL A 66 14.28 12.88 -17.46
N PHE A 67 14.25 11.57 -17.72
CA PHE A 67 13.71 10.64 -16.74
C PHE A 67 14.58 10.58 -15.49
N ARG A 68 15.89 10.77 -15.63
CA ARG A 68 16.77 10.84 -14.47
C ARG A 68 16.46 12.05 -13.61
N PHE A 69 16.12 13.17 -14.24
CA PHE A 69 15.70 14.35 -13.48
C PHE A 69 14.34 14.14 -12.85
N LEU A 70 13.38 13.62 -13.63
CA LEU A 70 12.01 13.52 -13.15
C LEU A 70 11.86 12.44 -12.09
N PHE A 71 12.68 11.40 -12.14
CA PHE A 71 12.65 10.41 -11.06
C PHE A 71 13.32 10.96 -9.81
N GLY A 72 14.46 11.63 -9.96
CA GLY A 72 15.14 12.19 -8.81
C GLY A 72 14.45 13.38 -8.20
N PHE A 73 13.57 14.05 -8.95
CA PHE A 73 12.81 15.15 -8.39
C PHE A 73 11.54 14.66 -7.70
N LEU A 74 10.94 13.60 -8.23
CA LEU A 74 9.80 12.98 -7.55
C LEU A 74 10.22 12.17 -6.33
N MET A 75 11.51 11.86 -6.17
CA MET A 75 11.97 11.21 -4.95
C MET A 75 12.36 12.23 -3.89
N VAL A 76 12.64 13.48 -4.29
CA VAL A 76 12.83 14.55 -3.31
C VAL A 76 11.51 14.91 -2.67
N LEU A 77 10.43 14.90 -3.45
CA LEU A 77 9.11 15.23 -2.91
C LEU A 77 8.47 14.05 -2.20
N ASP A 78 9.02 12.85 -2.35
CA ASP A 78 8.43 11.66 -1.75
C ASP A 78 9.03 11.33 -0.40
N ILE A 79 10.22 11.82 -0.10
CA ILE A 79 10.93 11.48 1.13
C ILE A 79 10.25 12.09 2.36
N PRO A 80 9.80 13.36 2.39
CA PRO A 80 8.99 13.78 3.54
C PRO A 80 7.56 13.28 3.52
N GLN A 81 6.96 13.03 2.36
CA GLN A 81 5.54 12.70 2.29
C GLN A 81 5.27 11.23 2.59
N GLU A 82 5.78 10.31 1.77
CA GLU A 82 5.44 8.90 1.93
C GLU A 82 6.53 8.09 2.60
N ARG A 83 7.79 8.48 2.49
CA ARG A 83 8.85 7.75 3.19
C ARG A 83 8.79 8.01 4.69
N GLY A 84 8.21 9.13 5.10
CA GLY A 84 7.92 9.35 6.50
C GLY A 84 8.95 10.14 7.25
N LEU A 85 9.64 11.07 6.59
CA LEU A 85 10.58 11.94 7.29
C LEU A 85 9.85 12.95 8.17
N SER A 86 8.62 13.31 7.79
CA SER A 86 7.80 14.15 8.65
C SER A 86 7.33 13.41 9.89
N SER A 87 7.20 12.08 9.82
CA SER A 87 6.67 11.27 10.90
C SER A 87 7.60 10.13 11.28
N LEU A 88 8.90 10.41 11.41
CA LEU A 88 9.79 9.42 11.99
C LEU A 88 9.78 9.46 13.50
N ASP A 89 9.54 10.64 14.08
CA ASP A 89 9.49 10.78 15.53
C ASP A 89 8.28 10.08 16.13
N ARG A 90 7.24 9.84 15.34
CA ARG A 90 6.10 9.03 15.76
C ARG A 90 6.28 7.55 15.43
N LYS A 91 7.20 7.22 14.54
CA LYS A 91 7.36 5.85 14.09
C LYS A 91 8.55 5.14 14.72
N TYR A 92 9.74 5.76 14.67
CA TYR A 92 10.96 5.16 15.19
C TYR A 92 11.45 5.86 16.44
N LEU A 93 10.52 6.21 17.33
CA LEU A 93 10.87 6.88 18.58
C LEU A 93 11.59 5.93 19.52
N ASP A 94 12.53 6.47 20.29
CA ASP A 94 13.26 5.66 21.26
C ASP A 94 12.39 5.35 22.46
N GLY A 95 12.52 4.14 22.98
CA GLY A 95 11.77 3.71 24.14
C GLY A 95 10.34 3.34 23.86
N LEU A 96 10.09 2.95 22.71
CA LEU A 96 8.71 2.62 22.35
C LEU A 96 8.56 1.11 22.24
N ASP A 97 7.60 0.55 22.98
CA ASP A 97 7.26 -0.86 22.84
C ASP A 97 6.46 -1.02 21.54
N VAL A 98 7.06 -1.64 20.54
CA VAL A 98 6.46 -1.72 19.22
C VAL A 98 6.85 -3.04 18.56
N CYS A 99 5.87 -3.69 17.94
CA CYS A 99 6.09 -4.88 17.13
C CYS A 99 6.38 -4.41 15.70
N ARG A 100 7.60 -4.65 15.25
CA ARG A 100 8.02 -4.25 13.91
C ARG A 100 7.99 -5.46 12.99
N PHE A 101 7.77 -5.19 11.70
CA PHE A 101 7.68 -6.25 10.69
C PHE A 101 8.73 -6.04 9.59
N PRO A 102 10.06 -6.37 9.83
CA PRO A 102 11.04 -6.35 8.75
C PRO A 102 11.02 -7.66 7.99
N LEU A 103 11.53 -7.61 6.75
CA LEU A 103 11.58 -8.81 5.94
C LEU A 103 12.54 -9.83 6.52
N LEU A 104 13.77 -9.41 6.78
CA LEU A 104 14.72 -10.22 7.54
C LEU A 104 14.56 -9.86 9.01
N ASP A 105 14.54 -10.89 9.87
CA ASP A 105 14.29 -10.66 11.29
C ASP A 105 15.47 -10.01 11.99
N ALA A 106 16.66 -10.03 11.39
CA ALA A 106 17.82 -9.40 11.99
C ALA A 106 17.91 -7.91 11.69
N LEU A 107 17.01 -7.37 10.87
CA LEU A 107 17.01 -5.94 10.56
C LEU A 107 16.38 -5.16 11.70
N ARG A 108 17.20 -4.63 12.59
CA ARG A 108 16.68 -3.73 13.60
C ARG A 108 17.00 -2.30 13.22
N PRO A 109 16.06 -1.37 13.40
CA PRO A 109 16.32 0.02 13.04
C PRO A 109 17.31 0.68 13.98
N LEU A 110 17.84 1.81 13.53
CA LEU A 110 18.80 2.60 14.28
C LEU A 110 18.05 3.46 15.29
N PRO A 111 18.77 4.14 16.19
CA PRO A 111 18.12 5.20 16.99
C PRO A 111 17.57 6.33 16.12
N LEU A 112 16.64 7.09 16.71
CA LEU A 112 15.99 8.18 15.99
C LEU A 112 16.96 9.31 15.67
N ASP A 113 18.01 9.46 16.47
CA ASP A 113 19.09 10.40 16.15
C ASP A 113 19.79 10.02 14.86
N TRP A 114 19.94 8.72 14.58
CA TRP A 114 20.62 8.27 13.38
C TRP A 114 19.68 7.95 12.23
N MET A 115 18.40 7.68 12.50
CA MET A 115 17.46 7.45 11.41
C MET A 115 17.11 8.74 10.67
N TYR A 116 17.35 9.90 11.28
CA TYR A 116 17.27 11.14 10.52
C TYR A 116 18.48 11.33 9.62
N LEU A 117 19.60 10.70 9.94
CA LEU A 117 20.77 10.76 9.07
C LEU A 117 20.63 9.79 7.90
N VAL A 118 19.89 8.70 8.09
CA VAL A 118 19.58 7.79 6.99
C VAL A 118 18.66 8.48 5.99
N TYR A 119 17.69 9.25 6.48
CA TYR A 119 16.82 10.01 5.60
C TYR A 119 17.45 11.31 5.12
N THR A 120 18.58 11.72 5.71
CA THR A 120 19.34 12.84 5.16
C THR A 120 20.22 12.38 4.01
N ILE A 121 20.89 11.23 4.17
CA ILE A 121 21.70 10.65 3.11
C ILE A 121 20.82 10.23 1.94
N MET A 122 19.63 9.68 2.23
CA MET A 122 18.67 9.35 1.18
C MET A 122 18.13 10.61 0.51
N PHE A 123 18.10 11.73 1.24
CA PHE A 123 17.72 12.99 0.59
C PHE A 123 18.85 13.55 -0.24
N LEU A 124 20.09 13.51 0.26
CA LEU A 124 21.23 13.96 -0.53
C LEU A 124 21.56 12.97 -1.64
N GLY A 125 21.08 11.74 -1.54
CA GLY A 125 21.16 10.83 -2.67
C GLY A 125 20.19 11.21 -3.76
N ALA A 126 18.93 11.47 -3.40
CA ALA A 126 17.93 11.87 -4.37
C ALA A 126 18.13 13.30 -4.87
N LEU A 127 18.83 14.13 -4.11
CA LEU A 127 19.13 15.48 -4.58
C LEU A 127 20.22 15.46 -5.64
N GLY A 128 21.26 14.67 -5.42
CA GLY A 128 22.31 14.53 -6.40
C GLY A 128 21.92 13.70 -7.60
N MET A 129 21.05 12.71 -7.41
CA MET A 129 20.51 11.99 -8.56
C MET A 129 19.55 12.86 -9.37
N MET A 130 18.96 13.89 -8.74
CA MET A 130 18.13 14.83 -9.49
C MET A 130 19.00 15.75 -10.34
N LEU A 131 20.03 16.33 -9.74
CA LEU A 131 20.91 17.25 -10.46
C LEU A 131 21.91 16.53 -11.35
N GLY A 132 22.25 15.28 -11.05
CA GLY A 132 23.35 14.64 -11.75
C GLY A 132 24.69 15.01 -11.18
N LEU A 133 24.76 15.43 -9.93
CA LEU A 133 25.99 15.85 -9.28
C LEU A 133 26.55 14.68 -8.47
N CYS A 134 27.74 14.20 -8.86
CA CYS A 134 28.35 12.98 -8.35
C CYS A 134 27.39 11.80 -8.42
N TYR A 135 26.99 11.47 -9.65
CA TYR A 135 25.79 10.68 -9.90
C TYR A 135 25.97 9.23 -9.47
N ARG A 136 27.19 8.69 -9.56
CA ARG A 136 27.41 7.33 -9.11
C ARG A 136 27.36 7.23 -7.59
N ILE A 137 27.90 8.23 -6.90
CA ILE A 137 27.82 8.25 -5.44
C ILE A 137 26.40 8.60 -5.00
N SER A 138 25.76 9.55 -5.68
CA SER A 138 24.41 9.96 -5.32
C SER A 138 23.37 8.89 -5.62
N CYS A 139 23.67 7.93 -6.49
CA CYS A 139 22.75 6.82 -6.66
C CYS A 139 22.86 5.83 -5.52
N VAL A 140 24.09 5.52 -5.11
CA VAL A 140 24.31 4.59 -4.00
C VAL A 140 23.93 5.23 -2.66
N LEU A 141 24.08 6.56 -2.53
CA LEU A 141 23.59 7.24 -1.34
C LEU A 141 22.07 7.33 -1.29
N PHE A 142 21.38 7.01 -2.39
CA PHE A 142 19.94 6.84 -2.37
C PHE A 142 19.53 5.38 -2.36
N LEU A 143 20.25 4.52 -3.08
CA LEU A 143 19.85 3.12 -3.22
C LEU A 143 20.00 2.35 -1.90
N LEU A 144 21.05 2.63 -1.14
CA LEU A 144 21.29 1.86 0.07
C LEU A 144 20.37 2.26 1.23
N PRO A 145 20.09 3.55 1.53
CA PRO A 145 19.09 3.81 2.57
C PRO A 145 17.64 3.83 2.09
N TYR A 146 17.37 3.59 0.80
CA TYR A 146 15.98 3.31 0.41
C TYR A 146 15.63 1.86 0.73
N TRP A 147 16.46 0.92 0.28
CA TRP A 147 16.22 -0.48 0.53
C TRP A 147 16.55 -0.88 1.97
N TYR A 148 17.12 0.01 2.76
CA TYR A 148 17.19 -0.22 4.19
C TYR A 148 15.83 0.01 4.84
N VAL A 149 15.22 1.17 4.57
CA VAL A 149 13.94 1.50 5.19
C VAL A 149 12.80 0.76 4.51
N PHE A 150 13.01 0.26 3.29
CA PHE A 150 11.97 -0.52 2.61
C PHE A 150 11.84 -1.90 3.24
N LEU A 151 12.96 -2.56 3.49
CA LEU A 151 12.96 -3.89 4.09
C LEU A 151 12.75 -3.86 5.59
N LEU A 152 12.75 -2.68 6.22
CA LEU A 152 12.56 -2.55 7.65
C LEU A 152 11.10 -2.62 8.08
N ASP A 153 10.16 -2.67 7.13
CA ASP A 153 8.74 -2.75 7.46
C ASP A 153 8.04 -3.39 6.27
N LYS A 154 7.55 -4.61 6.45
CA LYS A 154 6.84 -5.31 5.38
C LYS A 154 5.45 -4.74 5.14
N THR A 155 4.92 -3.96 6.08
CA THR A 155 3.59 -3.41 5.95
C THR A 155 3.56 -2.13 5.14
N SER A 156 4.73 -1.55 4.85
CA SER A 156 4.83 -0.40 3.98
C SER A 156 5.15 -0.78 2.54
N TRP A 157 5.13 -2.07 2.23
CA TRP A 157 5.39 -2.53 0.86
C TRP A 157 4.14 -2.35 0.03
N ASN A 158 4.29 -1.68 -1.11
CA ASN A 158 3.28 -1.69 -2.16
C ASN A 158 4.01 -1.58 -3.49
N ASN A 159 3.26 -1.49 -4.58
CA ASN A 159 3.85 -1.69 -5.89
C ASN A 159 4.56 -0.45 -6.41
N HIS A 160 4.45 0.69 -5.75
CA HIS A 160 5.30 1.81 -6.14
C HIS A 160 6.54 1.92 -5.28
N SER A 161 6.44 1.58 -3.99
CA SER A 161 7.62 1.57 -3.13
C SER A 161 8.61 0.50 -3.59
N TYR A 162 8.10 -0.59 -4.14
CA TYR A 162 8.95 -1.57 -4.81
C TYR A 162 9.55 -1.00 -6.08
N LEU A 163 8.76 -0.26 -6.86
CA LEU A 163 9.21 0.22 -8.17
C LEU A 163 10.27 1.32 -8.04
N TYR A 164 10.14 2.21 -7.05
CA TYR A 164 11.12 3.29 -6.89
C TYR A 164 12.48 2.74 -6.47
N GLY A 165 12.50 1.57 -5.83
CA GLY A 165 13.76 0.92 -5.55
C GLY A 165 14.29 0.09 -6.69
N LEU A 166 13.42 -0.29 -7.62
CA LEU A 166 13.87 -0.89 -8.87
C LEU A 166 14.48 0.14 -9.80
N LEU A 167 13.84 1.31 -9.91
CA LEU A 167 14.33 2.35 -10.80
C LEU A 167 15.59 3.00 -10.24
N ALA A 168 15.77 3.00 -8.92
CA ALA A 168 17.03 3.45 -8.35
C ALA A 168 18.10 2.38 -8.47
N PHE A 169 17.70 1.13 -8.65
CA PHE A 169 18.65 0.04 -8.86
C PHE A 169 19.14 0.01 -10.30
N GLN A 170 18.24 0.27 -11.25
CA GLN A 170 18.62 0.33 -12.65
C GLN A 170 19.51 1.52 -12.92
N LEU A 171 19.07 2.72 -12.53
CA LEU A 171 19.76 3.97 -12.81
C LEU A 171 21.12 4.10 -12.14
N THR A 172 21.45 3.24 -11.18
CA THR A 172 22.78 3.23 -10.60
C THR A 172 23.82 2.77 -11.61
N PHE A 173 23.45 1.82 -12.47
CA PHE A 173 24.35 1.31 -13.51
C PHE A 173 24.18 2.03 -14.83
N MET A 174 23.14 2.83 -14.99
CA MET A 174 22.90 3.53 -16.24
C MET A 174 23.69 4.84 -16.26
N ASP A 175 24.17 5.20 -17.44
CA ASP A 175 24.95 6.42 -17.62
C ASP A 175 24.02 7.61 -17.85
N ALA A 176 23.15 7.85 -16.88
CA ALA A 176 22.11 8.84 -17.02
C ALA A 176 22.59 10.27 -16.79
N ASN A 177 23.81 10.45 -16.30
CA ASN A 177 24.39 11.78 -16.15
C ASN A 177 25.18 12.21 -17.37
N HIS A 178 24.95 11.57 -18.52
CA HIS A 178 25.62 11.90 -19.76
C HIS A 178 24.96 13.03 -20.51
N TYR A 179 24.02 13.73 -19.88
CA TYR A 179 23.27 14.83 -20.48
C TYR A 179 22.54 15.54 -19.35
N TRP A 180 22.48 16.88 -19.42
CA TRP A 180 21.71 17.73 -18.51
C TRP A 180 22.05 17.46 -17.03
N SER A 181 23.31 17.68 -16.69
CA SER A 181 23.78 17.30 -15.37
C SER A 181 24.88 18.25 -14.90
N VAL A 182 25.25 18.10 -13.64
CA VAL A 182 26.37 18.87 -13.09
C VAL A 182 27.68 18.13 -13.39
N ASP A 183 27.62 16.81 -13.59
CA ASP A 183 28.81 16.06 -14.02
C ASP A 183 29.26 16.47 -15.42
N GLY A 184 28.35 16.98 -16.24
CA GLY A 184 28.75 17.59 -17.49
C GLY A 184 29.55 18.86 -17.29
N LEU A 185 29.21 19.63 -16.25
CA LEU A 185 29.92 20.87 -15.98
C LEU A 185 31.26 20.65 -15.28
N LEU A 186 31.43 19.51 -14.61
CA LEU A 186 32.69 19.19 -13.93
C LEU A 186 33.59 18.31 -14.79
N ASN A 187 33.04 17.31 -15.45
CA ASN A 187 33.80 16.40 -16.29
C ASN A 187 33.44 16.65 -17.75
N ALA A 188 34.46 16.71 -18.61
CA ALA A 188 34.22 16.98 -20.02
C ALA A 188 33.85 15.72 -20.79
N HIS A 189 34.17 14.54 -20.27
CA HIS A 189 33.81 13.30 -20.92
C HIS A 189 32.44 12.79 -20.51
N ARG A 190 31.78 13.46 -19.56
CA ARG A 190 30.41 13.16 -19.18
C ARG A 190 29.42 14.15 -19.76
N ARG A 191 29.89 15.14 -20.50
CA ARG A 191 29.01 16.18 -21.04
C ARG A 191 28.60 15.79 -22.45
N ASN A 192 27.30 15.51 -22.62
CA ASN A 192 26.65 15.26 -23.91
C ASN A 192 27.28 14.08 -24.64
N ALA A 193 27.37 12.94 -23.95
CA ALA A 193 28.00 11.75 -24.48
C ALA A 193 26.97 10.65 -24.66
N HIS A 194 27.28 9.71 -25.54
CA HIS A 194 26.35 8.64 -25.89
C HIS A 194 26.16 7.67 -24.72
N VAL A 195 24.97 7.10 -24.64
CA VAL A 195 24.67 6.04 -23.67
C VAL A 195 24.43 4.76 -24.46
N PRO A 196 24.66 3.58 -23.89
CA PRO A 196 24.35 2.35 -24.60
C PRO A 196 22.85 2.12 -24.68
N LEU A 197 22.48 1.20 -25.57
CA LEU A 197 21.07 0.94 -25.82
C LEU A 197 20.41 0.22 -24.66
N TRP A 198 21.19 -0.51 -23.85
CA TRP A 198 20.62 -1.24 -22.73
C TRP A 198 20.16 -0.34 -21.60
N ASN A 199 20.55 0.94 -21.60
CA ASN A 199 20.00 1.87 -20.62
C ASN A 199 18.52 2.15 -20.90
N TYR A 200 18.10 2.03 -22.15
CA TYR A 200 16.68 2.17 -22.49
C TYR A 200 15.97 0.83 -22.48
N ALA A 201 16.63 -0.23 -22.96
CA ALA A 201 15.97 -1.54 -23.10
C ALA A 201 15.70 -2.18 -21.75
N VAL A 202 16.38 -1.76 -20.68
CA VAL A 202 16.03 -2.20 -19.34
C VAL A 202 14.90 -1.33 -18.80
N LEU A 203 14.95 -0.01 -19.06
CA LEU A 203 13.90 0.88 -18.61
C LEU A 203 12.61 0.70 -19.39
N ARG A 204 12.71 0.40 -20.69
CA ARG A 204 11.52 0.04 -21.45
C ARG A 204 11.04 -1.35 -21.05
N GLY A 205 11.98 -2.26 -20.75
CA GLY A 205 11.60 -3.58 -20.31
C GLY A 205 10.99 -3.59 -18.92
N GLN A 206 11.32 -2.59 -18.10
CA GLN A 206 10.72 -2.52 -16.77
C GLN A 206 9.29 -2.04 -16.83
N ILE A 207 9.04 -0.93 -17.54
CA ILE A 207 7.70 -0.35 -17.62
C ILE A 207 6.77 -1.25 -18.44
N PHE A 208 7.31 -2.08 -19.32
CA PHE A 208 6.49 -3.09 -19.98
C PHE A 208 6.05 -4.16 -18.99
N ILE A 209 6.94 -4.54 -18.07
CA ILE A 209 6.60 -5.58 -17.11
C ILE A 209 5.64 -5.05 -16.04
N VAL A 210 5.76 -3.77 -15.68
CA VAL A 210 4.82 -3.16 -14.75
C VAL A 210 3.41 -3.12 -15.37
N TYR A 211 3.33 -2.87 -16.68
CA TYR A 211 2.03 -2.81 -17.33
C TYR A 211 1.48 -4.20 -17.63
N PHE A 212 2.25 -5.04 -18.32
CA PHE A 212 1.73 -6.28 -18.88
C PHE A 212 1.47 -7.34 -17.82
N ILE A 213 2.35 -7.46 -16.83
CA ILE A 213 2.16 -8.47 -15.79
C ILE A 213 0.98 -8.10 -14.91
N ALA A 214 0.72 -6.79 -14.72
CA ALA A 214 -0.50 -6.36 -14.05
C ALA A 214 -1.74 -6.72 -14.85
N GLY A 215 -1.64 -6.77 -16.18
CA GLY A 215 -2.76 -7.24 -16.98
C GLY A 215 -2.92 -8.74 -17.00
N VAL A 216 -1.90 -9.47 -16.55
CA VAL A 216 -2.07 -10.91 -16.39
C VAL A 216 -2.62 -11.21 -15.00
N LYS A 217 -2.21 -10.43 -13.99
CA LYS A 217 -2.76 -10.59 -12.65
C LYS A 217 -4.22 -10.14 -12.56
N LYS A 218 -4.67 -9.30 -13.47
CA LYS A 218 -6.06 -8.89 -13.55
C LYS A 218 -6.92 -9.84 -14.39
N LEU A 219 -6.39 -11.01 -14.74
CA LEU A 219 -7.18 -12.06 -15.36
C LEU A 219 -7.80 -12.99 -14.32
N ASP A 220 -7.80 -12.57 -13.05
CA ASP A 220 -8.49 -13.30 -12.00
C ASP A 220 -10.00 -13.28 -12.23
N ALA A 221 -10.69 -14.24 -11.62
CA ALA A 221 -12.15 -14.28 -11.73
C ALA A 221 -12.82 -13.18 -10.93
N ASP A 222 -12.11 -12.52 -10.02
CA ASP A 222 -12.69 -11.40 -9.29
C ASP A 222 -12.58 -10.10 -10.07
N TRP A 223 -11.54 -9.94 -10.88
CA TRP A 223 -11.40 -8.74 -11.70
C TRP A 223 -12.15 -8.84 -13.02
N VAL A 224 -12.26 -10.06 -13.57
CA VAL A 224 -12.99 -10.24 -14.83
C VAL A 224 -14.48 -10.07 -14.60
N GLU A 225 -15.03 -10.72 -13.58
CA GLU A 225 -16.46 -10.64 -13.29
C GLU A 225 -16.85 -9.31 -12.63
N GLY A 226 -15.90 -8.52 -12.18
CA GLY A 226 -16.20 -7.18 -11.71
C GLY A 226 -16.40 -7.03 -10.21
N TYR A 227 -15.70 -7.82 -9.40
CA TYR A 227 -15.86 -7.73 -7.96
C TYR A 227 -14.79 -6.90 -7.28
N SER A 228 -13.56 -6.90 -7.80
CA SER A 228 -12.50 -6.07 -7.24
C SER A 228 -12.63 -4.66 -7.77
N MET A 229 -12.61 -3.68 -6.86
CA MET A 229 -12.90 -2.26 -7.15
C MET A 229 -14.27 -2.11 -7.82
N GLU A 230 -15.31 -2.47 -7.07
CA GLU A 230 -16.67 -2.34 -7.55
C GLU A 230 -17.29 -0.99 -7.20
N TYR A 231 -16.80 -0.35 -6.14
CA TYR A 231 -17.28 0.96 -5.73
C TYR A 231 -16.64 2.10 -6.51
N LEU A 232 -15.67 1.81 -7.39
CA LEU A 232 -14.89 2.86 -8.02
C LEU A 232 -15.67 3.66 -9.06
N SER A 233 -16.68 3.05 -9.67
CA SER A 233 -17.45 3.73 -10.72
C SER A 233 -18.35 4.84 -10.18
N ARG A 234 -18.60 4.87 -8.88
CA ARG A 234 -19.42 5.92 -8.28
C ARG A 234 -18.65 7.22 -8.05
N HIS A 235 -17.36 7.25 -8.39
CA HIS A 235 -16.60 8.49 -8.39
C HIS A 235 -17.07 9.39 -9.52
N TRP A 236 -16.82 10.70 -9.36
CA TRP A 236 -17.31 11.67 -10.33
C TRP A 236 -16.47 11.71 -11.59
N LEU A 237 -15.29 11.07 -11.61
CA LEU A 237 -14.45 11.08 -12.79
C LEU A 237 -14.96 10.13 -13.88
N PHE A 238 -15.83 9.19 -13.53
CA PHE A 238 -16.40 8.25 -14.49
C PHE A 238 -17.75 8.72 -15.03
N SER A 239 -18.09 9.99 -14.84
CA SER A 239 -19.36 10.56 -15.27
C SER A 239 -19.60 10.63 -16.78
N PRO A 240 -18.58 10.82 -17.67
CA PRO A 240 -18.87 10.63 -19.10
C PRO A 240 -19.25 9.21 -19.47
N PHE A 241 -18.72 8.19 -18.79
CA PHE A 241 -19.07 6.82 -19.13
C PHE A 241 -20.47 6.44 -18.69
N LYS A 242 -21.02 7.15 -17.70
CA LYS A 242 -22.40 6.92 -17.28
C LYS A 242 -23.40 7.64 -18.17
N LEU A 243 -22.95 8.49 -19.09
CA LEU A 243 -23.83 9.07 -20.10
C LEU A 243 -24.16 8.08 -21.21
N LEU A 244 -23.40 6.99 -21.31
CA LEU A 244 -23.64 5.96 -22.32
C LEU A 244 -24.01 4.61 -21.73
N LEU A 245 -23.48 4.28 -20.55
CA LEU A 245 -23.72 2.98 -19.93
C LEU A 245 -24.35 3.17 -18.56
N SER A 246 -24.85 2.07 -18.01
CA SER A 246 -25.40 2.07 -16.66
C SER A 246 -24.28 2.02 -15.64
N GLU A 247 -24.65 2.19 -14.36
CA GLU A 247 -23.67 2.16 -13.28
C GLU A 247 -23.12 0.75 -13.08
N GLU A 248 -23.88 -0.28 -13.43
CA GLU A 248 -23.37 -1.64 -13.34
C GLU A 248 -22.55 -2.02 -14.56
N LEU A 249 -22.79 -1.36 -15.70
CA LEU A 249 -22.04 -1.63 -16.92
C LEU A 249 -20.82 -0.73 -17.07
N THR A 250 -20.79 0.39 -16.34
CA THR A 250 -19.55 1.17 -16.25
C THR A 250 -18.52 0.41 -15.43
N SER A 251 -18.96 -0.33 -14.42
CA SER A 251 -18.04 -1.07 -13.57
C SER A 251 -17.47 -2.29 -14.28
N LEU A 252 -18.27 -2.98 -15.08
CA LEU A 252 -17.79 -4.21 -15.70
C LEU A 252 -16.89 -3.92 -16.89
N LEU A 253 -17.32 -3.00 -17.77
CA LEU A 253 -16.57 -2.74 -18.99
C LEU A 253 -15.42 -1.77 -18.78
N VAL A 254 -15.72 -0.58 -18.24
CA VAL A 254 -14.74 0.50 -18.25
C VAL A 254 -13.69 0.31 -17.16
N VAL A 255 -14.11 -0.01 -15.94
CA VAL A 255 -13.17 -0.10 -14.84
C VAL A 255 -12.44 -1.43 -14.86
N HIS A 256 -13.15 -2.51 -15.16
CA HIS A 256 -12.58 -3.85 -15.03
C HIS A 256 -12.00 -4.36 -16.34
N TRP A 257 -12.77 -4.26 -17.43
CA TRP A 257 -12.27 -4.74 -18.72
C TRP A 257 -11.51 -3.66 -19.47
N GLY A 258 -11.82 -2.39 -19.19
CA GLY A 258 -11.02 -1.31 -19.76
C GLY A 258 -9.77 -1.03 -18.96
N GLY A 259 -9.62 -1.66 -17.80
CA GLY A 259 -8.35 -1.69 -17.10
C GLY A 259 -7.61 -2.99 -17.26
N LEU A 260 -8.25 -3.98 -17.90
CA LEU A 260 -7.58 -5.23 -18.25
C LEU A 260 -7.05 -5.17 -19.67
N LEU A 261 -7.85 -4.68 -20.61
CA LEU A 261 -7.39 -4.50 -21.98
C LEU A 261 -6.41 -3.35 -22.12
N LEU A 262 -6.35 -2.44 -21.15
CA LEU A 262 -5.34 -1.39 -21.19
C LEU A 262 -4.02 -1.87 -20.59
N ASP A 263 -4.08 -2.62 -19.48
CA ASP A 263 -2.85 -3.11 -18.88
C ASP A 263 -2.19 -4.19 -19.71
N LEU A 264 -3.00 -5.01 -20.39
CA LEU A 264 -2.45 -6.00 -21.30
C LEU A 264 -1.83 -5.35 -22.53
N SER A 265 -2.37 -4.21 -22.95
CA SER A 265 -1.92 -3.52 -24.14
C SER A 265 -1.45 -2.10 -23.87
N ALA A 266 -0.68 -1.88 -22.81
CA ALA A 266 -0.04 -0.57 -22.65
C ALA A 266 1.38 -0.59 -23.17
N GLY A 267 2.19 -1.54 -22.71
CA GLY A 267 3.56 -1.65 -23.19
C GLY A 267 3.67 -2.16 -24.61
N PHE A 268 2.60 -2.71 -25.16
CA PHE A 268 2.58 -3.06 -26.57
C PHE A 268 2.29 -1.84 -27.43
N LEU A 269 1.48 -0.91 -26.93
CA LEU A 269 1.11 0.24 -27.75
C LEU A 269 2.18 1.32 -27.70
N LEU A 270 2.81 1.53 -26.54
CA LEU A 270 3.87 2.51 -26.43
C LEU A 270 5.14 2.10 -27.17
N PHE A 271 5.34 0.80 -27.41
CA PHE A 271 6.57 0.32 -28.01
C PHE A 271 6.64 0.67 -29.49
N PHE A 272 5.62 0.32 -30.27
CA PHE A 272 5.67 0.47 -31.71
C PHE A 272 5.51 1.94 -32.12
N ASP A 273 5.89 2.22 -33.37
CA ASP A 273 5.79 3.60 -33.87
C ASP A 273 4.39 3.91 -34.38
N VAL A 274 3.69 2.90 -34.89
CA VAL A 274 2.39 3.13 -35.52
C VAL A 274 1.31 3.39 -34.48
N SER A 275 1.53 3.03 -33.22
CA SER A 275 0.51 3.11 -32.19
C SER A 275 0.98 3.78 -30.91
N ARG A 276 2.09 4.53 -30.95
CA ARG A 276 2.56 5.17 -29.73
C ARG A 276 1.76 6.42 -29.40
N SER A 277 1.43 7.23 -30.42
CA SER A 277 0.66 8.45 -30.19
C SER A 277 -0.76 8.14 -29.74
N ILE A 278 -1.32 7.03 -30.20
CA ILE A 278 -2.58 6.55 -29.63
C ILE A 278 -2.34 5.96 -28.25
N GLY A 279 -1.27 5.17 -28.10
CA GLY A 279 -0.99 4.52 -26.83
C GLY A 279 -0.51 5.46 -25.75
N LEU A 280 0.06 6.62 -26.11
CA LEU A 280 0.45 7.58 -25.08
C LEU A 280 -0.76 8.33 -24.55
N PHE A 281 -1.87 8.35 -25.28
CA PHE A 281 -3.08 8.99 -24.79
C PHE A 281 -3.78 8.10 -23.77
N PHE A 282 -3.86 6.79 -24.05
CA PHE A 282 -4.57 5.88 -23.16
C PHE A 282 -3.84 5.65 -21.85
N VAL A 283 -2.51 5.74 -21.84
CA VAL A 283 -1.78 5.55 -20.59
C VAL A 283 -1.55 6.86 -19.85
N SER A 284 -1.73 8.01 -20.49
CA SER A 284 -1.70 9.25 -19.75
C SER A 284 -3.05 9.56 -19.13
N TYR A 285 -4.12 9.09 -19.77
CA TYR A 285 -5.44 9.15 -19.15
C TYR A 285 -5.56 8.15 -18.03
N PHE A 286 -4.88 7.00 -18.15
CA PHE A 286 -4.91 5.98 -17.11
C PHE A 286 -4.23 6.46 -15.83
N HIS A 287 -3.21 7.30 -15.96
CA HIS A 287 -2.49 7.74 -14.77
C HIS A 287 -2.95 9.11 -14.28
N CYS A 288 -3.61 9.88 -15.12
CA CYS A 288 -4.26 11.10 -14.62
C CYS A 288 -5.47 10.75 -13.78
N MET A 289 -6.12 9.63 -14.06
CA MET A 289 -7.24 9.19 -13.24
C MET A 289 -6.77 8.60 -11.91
N ASN A 290 -5.75 7.74 -11.96
CA ASN A 290 -5.24 7.10 -10.75
C ASN A 290 -4.49 8.06 -9.84
N SER A 291 -4.14 9.25 -10.33
CA SER A 291 -3.58 10.27 -9.45
C SER A 291 -4.66 10.90 -8.58
N GLN A 292 -5.90 10.94 -9.07
CA GLN A 292 -7.00 11.54 -8.34
C GLN A 292 -7.90 10.54 -7.64
N LEU A 293 -7.97 9.30 -8.14
CA LEU A 293 -8.78 8.29 -7.48
C LEU A 293 -8.12 7.77 -6.21
N PHE A 294 -6.85 7.36 -6.31
CA PHE A 294 -6.18 6.69 -5.21
C PHE A 294 -5.05 7.55 -4.67
N SER A 295 -4.73 7.33 -3.40
CA SER A 295 -3.58 7.97 -2.77
C SER A 295 -2.42 6.98 -2.82
N ILE A 296 -1.74 6.97 -3.97
CA ILE A 296 -0.62 6.07 -4.20
C ILE A 296 0.70 6.82 -4.25
N GLY A 297 0.72 8.07 -3.80
CA GLY A 297 1.95 8.82 -3.74
C GLY A 297 2.32 9.38 -5.10
N MET A 298 3.55 9.09 -5.54
CA MET A 298 4.07 9.59 -6.81
C MET A 298 4.01 8.54 -7.91
N PHE A 299 3.17 7.51 -7.73
CA PHE A 299 3.15 6.39 -8.66
C PHE A 299 2.57 6.79 -10.01
N SER A 300 1.59 7.69 -10.00
CA SER A 300 0.99 8.14 -11.25
C SER A 300 1.87 9.16 -11.96
N TYR A 301 2.86 9.72 -11.27
CA TYR A 301 3.79 10.65 -11.90
C TYR A 301 5.10 9.99 -12.28
N VAL A 302 5.46 8.88 -11.62
CA VAL A 302 6.62 8.11 -12.04
C VAL A 302 6.28 7.29 -13.28
N MET A 303 5.07 6.75 -13.34
CA MET A 303 4.60 6.07 -14.54
C MET A 303 4.26 7.04 -15.66
N LEU A 304 4.14 8.32 -15.36
CA LEU A 304 3.97 9.33 -16.40
C LEU A 304 5.31 9.82 -16.93
N ALA A 305 6.32 9.89 -16.06
CA ALA A 305 7.65 10.32 -16.46
C ALA A 305 8.43 9.22 -17.16
N SER A 306 7.97 7.97 -17.07
CA SER A 306 8.67 6.85 -17.67
C SER A 306 8.07 6.41 -18.99
N SER A 307 6.88 6.87 -19.32
CA SER A 307 6.27 6.58 -20.61
C SER A 307 6.95 7.26 -21.81
N PRO A 308 7.57 8.45 -21.70
CA PRO A 308 8.41 8.91 -22.81
C PRO A 308 9.75 8.21 -22.96
N LEU A 309 10.07 7.19 -22.15
CA LEU A 309 11.23 6.36 -22.46
C LEU A 309 10.98 5.50 -23.69
N PHE A 310 9.74 5.15 -23.96
CA PHE A 310 9.36 4.41 -25.16
C PHE A 310 9.42 5.27 -26.42
N CYS A 311 9.49 6.59 -26.27
CA CYS A 311 9.67 7.48 -27.40
C CYS A 311 11.10 7.38 -27.92
N SER A 312 11.36 8.11 -29.01
CA SER A 312 12.70 8.15 -29.57
C SER A 312 13.64 8.90 -28.62
N PRO A 313 14.88 8.45 -28.45
CA PRO A 313 15.75 9.02 -27.41
C PRO A 313 16.22 10.43 -27.67
N GLU A 314 15.93 11.01 -28.83
CA GLU A 314 16.31 12.38 -29.14
C GLU A 314 15.18 13.38 -28.89
N TRP A 315 14.06 12.93 -28.30
CA TRP A 315 12.92 13.82 -28.04
C TRP A 315 13.18 15.02 -27.10
N PRO A 316 14.13 15.01 -26.14
CA PRO A 316 14.42 16.28 -25.46
C PRO A 316 15.39 17.16 -26.21
N ARG A 317 16.03 16.67 -27.27
CA ARG A 317 16.76 17.57 -28.15
C ARG A 317 15.84 18.23 -29.16
N LYS A 318 14.75 17.56 -29.52
CA LYS A 318 13.78 18.13 -30.44
C LYS A 318 12.91 19.19 -29.79
N LEU A 319 12.82 19.21 -28.46
CA LEU A 319 12.07 20.25 -27.77
C LEU A 319 12.93 21.43 -27.35
N VAL A 320 14.24 21.23 -27.19
CA VAL A 320 15.14 22.35 -26.94
C VAL A 320 15.28 23.20 -28.20
N SER A 321 15.34 22.54 -29.37
CA SER A 321 15.43 23.26 -30.63
C SER A 321 14.13 23.97 -31.00
N TYR A 322 12.99 23.55 -30.45
CA TYR A 322 11.72 24.20 -30.69
C TYR A 322 11.49 25.39 -29.75
N CYS A 323 12.43 25.69 -28.87
CA CYS A 323 12.30 26.76 -27.90
C CYS A 323 12.81 28.07 -28.49
N PRO A 324 12.42 29.22 -27.91
CA PRO A 324 13.04 30.49 -28.31
C PRO A 324 14.53 30.53 -28.02
N ARG A 325 15.21 31.45 -28.72
CA ARG A 325 16.67 31.42 -28.77
C ARG A 325 17.31 31.85 -27.45
N ARG A 326 16.72 32.84 -26.77
CA ARG A 326 17.27 33.24 -25.48
C ARG A 326 16.92 32.26 -24.37
N LEU A 327 15.95 31.37 -24.62
CA LEU A 327 15.66 30.31 -23.65
C LEU A 327 16.67 29.18 -23.73
N GLN A 328 17.30 28.97 -24.89
CA GLN A 328 18.17 27.82 -25.10
C GLN A 328 19.50 27.90 -24.36
N GLN A 329 19.87 29.07 -23.84
CA GLN A 329 21.11 29.17 -23.08
C GLN A 329 20.98 28.60 -21.67
N LEU A 330 19.77 28.60 -21.12
CA LEU A 330 19.52 27.97 -19.83
C LEU A 330 19.23 26.48 -19.95
N LEU A 331 18.71 26.05 -21.09
CA LEU A 331 18.49 24.64 -21.36
C LEU A 331 19.82 23.94 -21.62
N PRO A 332 19.86 22.58 -21.56
CA PRO A 332 21.10 21.88 -21.91
C PRO A 332 21.45 21.93 -23.40
N LEU A 333 22.53 21.23 -23.77
CA LEU A 333 23.07 21.33 -25.12
C LEU A 333 22.14 20.71 -26.15
N LYS A 334 22.07 21.32 -27.32
CA LYS A 334 21.29 20.81 -28.44
C LYS A 334 22.16 20.17 -29.52
N ALA A 335 23.48 20.20 -29.34
CA ALA A 335 24.40 19.68 -30.35
C ALA A 335 24.37 18.16 -30.37
N ALA A 336 24.98 17.60 -31.41
CA ALA A 336 25.06 16.16 -31.57
C ALA A 336 25.96 15.57 -30.49
N PRO A 337 25.63 14.39 -29.95
CA PRO A 337 26.40 13.85 -28.82
C PRO A 337 27.79 13.41 -29.22
N GLN A 338 28.73 13.61 -28.31
CA GLN A 338 30.09 13.18 -28.54
C GLN A 338 30.20 11.67 -28.33
N PRO A 339 31.17 11.02 -28.96
CA PRO A 339 31.37 9.58 -28.71
C PRO A 339 31.81 9.31 -27.29
N SER A 340 31.34 8.18 -26.75
CA SER A 340 31.59 7.81 -25.37
C SER A 340 32.28 6.45 -25.32
N VAL A 341 32.76 6.11 -24.12
CA VAL A 341 33.44 4.83 -23.90
C VAL A 341 32.47 3.69 -23.73
N SER A 342 31.29 3.94 -23.15
CA SER A 342 30.34 2.91 -22.80
C SER A 342 29.60 2.30 -23.98
N CYS A 343 29.85 2.75 -25.21
CA CYS A 343 29.14 2.28 -26.38
C CYS A 343 30.08 1.50 -27.29
N VAL A 344 29.49 0.62 -28.10
CA VAL A 344 30.22 -0.18 -29.07
C VAL A 344 29.91 0.36 -30.46
N TYR A 345 30.93 0.84 -31.14
CA TYR A 345 30.78 1.50 -32.43
C TYR A 345 31.17 0.56 -33.57
N LYS A 346 30.48 0.69 -34.70
CA LYS A 346 30.85 -0.01 -35.90
C LYS A 346 32.07 0.66 -36.54
N GLN A 354 34.97 -2.92 -33.95
CA GLN A 354 35.41 -2.84 -32.56
C GLN A 354 34.82 -3.95 -31.72
N LYS A 355 35.67 -4.74 -31.07
CA LYS A 355 35.15 -5.75 -30.17
C LYS A 355 34.78 -5.11 -28.83
N PRO A 356 33.75 -5.61 -28.16
CA PRO A 356 33.36 -5.04 -26.88
C PRO A 356 34.24 -5.51 -25.73
N GLY A 357 34.45 -4.62 -24.77
CA GLY A 357 35.24 -4.92 -23.59
C GLY A 357 34.41 -5.55 -22.50
N LEU A 358 34.82 -5.29 -21.25
CA LEU A 358 34.12 -5.88 -20.12
C LEU A 358 32.88 -5.07 -19.74
N ARG A 359 32.97 -3.74 -19.81
CA ARG A 359 31.86 -2.87 -19.42
C ARG A 359 30.68 -3.01 -20.39
N HIS A 360 30.93 -3.38 -21.63
CA HIS A 360 29.84 -3.61 -22.57
C HIS A 360 29.21 -4.99 -22.38
N GLN A 361 30.02 -5.98 -22.05
CA GLN A 361 29.51 -7.34 -21.83
C GLN A 361 28.73 -7.45 -20.53
N LEU A 362 29.07 -6.63 -19.53
CA LEU A 362 28.31 -6.63 -18.28
C LEU A 362 27.02 -5.85 -18.41
N GLY A 363 26.86 -5.07 -19.49
CA GLY A 363 25.63 -4.35 -19.70
C GLY A 363 24.58 -5.15 -20.44
N ALA A 364 24.99 -5.94 -21.43
CA ALA A 364 24.05 -6.81 -22.12
C ALA A 364 23.66 -8.00 -21.26
N ALA A 365 24.54 -8.43 -20.36
CA ALA A 365 24.20 -9.49 -19.42
C ALA A 365 23.25 -8.98 -18.34
N PHE A 366 23.35 -7.71 -17.97
CA PHE A 366 22.40 -7.13 -17.03
C PHE A 366 21.02 -6.94 -17.66
N THR A 367 20.93 -6.88 -18.98
CA THR A 367 19.64 -6.71 -19.63
C THR A 367 18.85 -8.01 -19.61
N LEU A 368 19.51 -9.11 -19.97
CA LEU A 368 18.81 -10.38 -20.09
C LEU A 368 18.55 -11.04 -18.74
N LEU A 369 19.40 -10.76 -17.74
CA LEU A 369 19.24 -11.41 -16.45
C LEU A 369 18.25 -10.67 -15.56
N TYR A 370 18.15 -9.36 -15.70
CA TYR A 370 17.23 -8.60 -14.87
C TYR A 370 15.81 -8.67 -15.39
N LEU A 371 15.62 -8.56 -16.71
CA LEU A 371 14.28 -8.64 -17.28
C LEU A 371 13.69 -10.04 -17.24
N LEU A 372 14.53 -11.07 -17.12
CA LEU A 372 14.03 -12.41 -16.87
C LEU A 372 13.75 -12.62 -15.38
N GLU A 373 14.48 -11.92 -14.53
CA GLU A 373 14.20 -11.96 -13.10
C GLU A 373 12.94 -11.19 -12.75
N GLN A 374 12.64 -10.13 -13.51
CA GLN A 374 11.43 -9.37 -13.29
C GLN A 374 10.19 -10.08 -13.81
N LEU A 375 10.35 -11.01 -14.74
CA LEU A 375 9.22 -11.80 -15.22
C LEU A 375 8.97 -13.02 -14.34
N PHE A 376 9.85 -13.29 -13.39
CA PHE A 376 9.76 -14.49 -12.57
C PHE A 376 9.20 -14.24 -11.18
N LEU A 377 9.56 -13.12 -10.55
CA LEU A 377 9.09 -12.84 -9.19
C LEU A 377 7.57 -12.68 -9.03
N PRO A 378 6.80 -12.09 -9.96
CA PRO A 378 5.34 -12.18 -9.81
C PRO A 378 4.77 -13.59 -9.96
N TYR A 379 5.55 -14.54 -10.47
CA TYR A 379 5.12 -15.93 -10.57
C TYR A 379 6.03 -16.86 -9.78
N SER A 380 6.84 -16.31 -8.88
CA SER A 380 7.70 -17.10 -8.01
C SER A 380 7.01 -17.47 -6.71
N HIS A 381 5.68 -17.50 -6.69
CA HIS A 381 4.94 -17.81 -5.47
C HIS A 381 4.85 -19.29 -5.19
N PHE A 382 5.30 -20.14 -6.11
CA PHE A 382 5.40 -21.57 -5.85
C PHE A 382 6.64 -21.93 -5.05
N LEU A 383 7.61 -21.03 -4.96
CA LEU A 383 8.82 -21.25 -4.17
C LEU A 383 8.69 -20.72 -2.75
N THR A 384 8.37 -19.44 -2.60
CA THR A 384 8.08 -18.86 -1.29
C THR A 384 6.63 -19.16 -0.95
N GLN A 385 6.41 -20.38 -0.47
CA GLN A 385 5.07 -20.86 -0.15
C GLN A 385 4.68 -20.61 1.29
N GLY A 386 5.59 -20.11 2.13
CA GLY A 386 5.20 -19.67 3.44
C GLY A 386 4.55 -18.32 3.45
N TYR A 387 4.89 -17.48 2.48
CA TYR A 387 4.27 -16.17 2.30
C TYR A 387 2.95 -16.25 1.58
N ASN A 388 2.51 -17.46 1.22
CA ASN A 388 1.27 -17.65 0.48
C ASN A 388 0.08 -17.72 1.42
N ASN A 389 -0.92 -16.92 1.14
CA ASN A 389 -2.17 -16.84 1.91
C ASN A 389 -3.28 -17.05 0.88
N TRP A 390 -4.49 -16.60 1.24
CA TRP A 390 -5.62 -16.44 0.33
C TRP A 390 -5.24 -15.85 -1.03
N THR A 391 -4.41 -14.81 -1.02
CA THR A 391 -3.72 -14.36 -2.22
C THR A 391 -2.27 -14.82 -2.17
N ASN A 392 -1.73 -15.14 -3.35
CA ASN A 392 -0.41 -15.73 -3.45
C ASN A 392 0.67 -14.70 -3.15
N GLY A 393 1.59 -15.07 -2.26
CA GLY A 393 2.77 -14.27 -2.01
C GLY A 393 2.50 -13.04 -1.16
N LEU A 394 3.60 -12.37 -0.84
CA LEU A 394 3.56 -11.13 -0.07
C LEU A 394 3.21 -9.97 -0.98
N TYR A 395 2.46 -9.01 -0.45
CA TYR A 395 2.01 -7.89 -1.26
C TYR A 395 3.14 -6.91 -1.52
N GLY A 396 3.27 -6.48 -2.77
CA GLY A 396 4.23 -5.47 -3.11
C GLY A 396 5.02 -5.71 -4.39
N TYR A 397 5.26 -6.97 -4.73
CA TYR A 397 6.16 -7.29 -5.84
C TYR A 397 5.52 -8.12 -6.94
N SER A 398 4.20 -8.27 -6.94
CA SER A 398 3.53 -9.12 -7.92
C SER A 398 2.74 -8.33 -8.95
N TRP A 399 2.68 -7.00 -8.83
CA TRP A 399 1.90 -6.10 -9.69
C TRP A 399 0.42 -6.45 -9.71
N ASP A 400 -0.09 -6.99 -8.61
CA ASP A 400 -1.52 -7.27 -8.47
C ASP A 400 -2.21 -6.10 -7.77
N MET A 401 -2.17 -4.95 -8.44
CA MET A 401 -2.67 -3.71 -7.87
C MET A 401 -4.20 -3.70 -7.88
N MET A 402 -4.79 -3.52 -6.69
CA MET A 402 -6.22 -3.42 -6.44
C MET A 402 -7.00 -4.65 -6.92
N VAL A 403 -6.36 -5.81 -6.96
CA VAL A 403 -7.01 -7.02 -7.46
C VAL A 403 -7.73 -7.74 -6.31
N HIS A 404 -7.31 -7.49 -5.07
CA HIS A 404 -7.95 -8.10 -3.91
C HIS A 404 -8.16 -7.03 -2.84
N SER A 405 -9.42 -6.86 -2.43
CA SER A 405 -9.79 -5.93 -1.37
C SER A 405 -10.45 -6.71 -0.24
N ARG A 406 -10.21 -6.27 0.99
CA ARG A 406 -10.61 -7.02 2.16
C ARG A 406 -11.47 -6.17 3.09
N SER A 407 -12.11 -6.86 4.04
CA SER A 407 -12.90 -6.21 5.08
C SER A 407 -12.91 -7.13 6.29
N HIS A 408 -12.35 -6.66 7.40
CA HIS A 408 -12.17 -7.47 8.60
C HIS A 408 -13.33 -7.23 9.55
N GLN A 409 -14.14 -8.27 9.76
CA GLN A 409 -15.29 -8.14 10.64
C GLN A 409 -14.89 -8.14 12.11
N HIS A 410 -14.04 -9.07 12.51
CA HIS A 410 -13.76 -9.28 13.92
C HIS A 410 -12.35 -9.81 14.10
N VAL A 411 -11.55 -9.12 14.91
CA VAL A 411 -10.22 -9.55 15.29
C VAL A 411 -10.20 -9.71 16.81
N LYS A 412 -9.76 -10.88 17.27
CA LYS A 412 -9.82 -11.21 18.69
C LYS A 412 -8.53 -11.92 19.05
N ILE A 413 -7.73 -11.30 19.92
CA ILE A 413 -6.45 -11.85 20.35
C ILE A 413 -6.62 -12.34 21.78
N THR A 414 -6.42 -13.65 21.97
CA THR A 414 -6.59 -14.27 23.27
C THR A 414 -5.23 -14.79 23.75
N TYR A 415 -4.64 -14.12 24.73
CA TYR A 415 -3.43 -14.64 25.35
C TYR A 415 -3.79 -15.67 26.41
N ARG A 416 -2.76 -16.22 27.05
CA ARG A 416 -2.96 -17.23 28.09
C ARG A 416 -1.74 -17.22 28.98
N ASP A 417 -1.91 -16.81 30.23
CA ASP A 417 -0.80 -16.68 31.16
C ASP A 417 -0.25 -18.06 31.52
N GLY A 418 1.05 -18.25 31.29
CA GLY A 418 1.66 -19.56 31.48
C GLY A 418 1.83 -19.98 32.92
N ARG A 419 1.90 -19.02 33.84
CA ARG A 419 2.09 -19.34 35.25
C ARG A 419 0.78 -19.66 35.96
N THR A 420 -0.30 -18.95 35.63
CA THR A 420 -1.56 -19.12 36.33
C THR A 420 -2.64 -19.82 35.51
N GLY A 421 -2.59 -19.72 34.18
CA GLY A 421 -3.67 -20.23 33.37
C GLY A 421 -4.80 -19.26 33.13
N GLU A 422 -4.63 -18.00 33.54
CA GLU A 422 -5.69 -17.00 33.42
C GLU A 422 -5.84 -16.61 31.96
N LEU A 423 -6.89 -17.12 31.31
CA LEU A 423 -7.14 -16.80 29.92
C LEU A 423 -7.66 -15.37 29.82
N GLY A 424 -6.86 -14.50 29.20
CA GLY A 424 -7.22 -13.11 29.03
C GLY A 424 -7.28 -12.74 27.56
N TYR A 425 -7.61 -11.48 27.31
CA TYR A 425 -7.92 -11.02 25.96
C TYR A 425 -7.18 -9.72 25.71
N LEU A 426 -6.28 -9.73 24.73
CA LEU A 426 -5.52 -8.54 24.40
C LEU A 426 -6.34 -7.60 23.51
N ASN A 427 -5.85 -6.38 23.37
CA ASN A 427 -6.41 -5.43 22.44
C ASN A 427 -6.21 -5.94 21.01
N PRO A 428 -7.06 -5.54 20.05
CA PRO A 428 -6.90 -6.06 18.69
C PRO A 428 -5.63 -5.64 17.99
N GLY A 429 -5.09 -4.46 18.26
CA GLY A 429 -3.96 -3.96 17.49
C GLY A 429 -2.81 -3.38 18.28
N VAL A 430 -2.39 -4.04 19.37
CA VAL A 430 -1.76 -3.42 20.54
C VAL A 430 -0.50 -2.64 20.22
N PHE A 431 0.57 -3.33 19.86
CA PHE A 431 1.88 -2.70 19.68
C PHE A 431 2.25 -2.50 18.22
N THR A 432 1.31 -2.69 17.31
CA THR A 432 1.60 -2.53 15.91
C THR A 432 1.36 -1.09 15.48
N GLN A 433 1.94 -0.73 14.35
CA GLN A 433 1.70 0.56 13.73
C GLN A 433 1.00 0.42 12.38
N SER A 434 0.35 -0.71 12.14
CA SER A 434 -0.37 -0.98 10.91
C SER A 434 -1.44 -2.03 11.17
N ARG A 435 -2.19 -2.36 10.12
CA ARG A 435 -3.21 -3.39 10.17
C ARG A 435 -3.04 -4.42 9.06
N ARG A 436 -1.81 -4.64 8.58
CA ARG A 436 -1.56 -5.61 7.54
C ARG A 436 -1.19 -6.99 8.08
N TRP A 437 -0.96 -7.12 9.39
CA TRP A 437 -0.54 -8.39 9.96
C TRP A 437 -1.67 -9.40 10.01
N LYS A 438 -2.93 -8.96 9.88
CA LYS A 438 -4.08 -9.85 9.98
C LYS A 438 -4.41 -10.53 8.68
N ASP A 439 -3.65 -10.26 7.63
CA ASP A 439 -3.84 -10.87 6.33
C ASP A 439 -2.73 -11.86 5.99
N HIS A 440 -1.57 -11.73 6.62
CA HIS A 440 -0.38 -12.46 6.22
C HIS A 440 0.08 -13.34 7.38
N ALA A 441 0.46 -14.58 7.06
CA ALA A 441 0.89 -15.52 8.08
C ALA A 441 2.28 -15.24 8.62
N ASP A 442 3.16 -14.65 7.80
CA ASP A 442 4.50 -14.32 8.29
C ASP A 442 4.45 -13.17 9.30
N MET A 443 3.54 -12.21 9.09
CA MET A 443 3.44 -11.08 9.99
C MET A 443 2.68 -11.44 11.26
N LEU A 444 1.88 -12.50 11.21
CA LEU A 444 1.20 -12.95 12.41
C LEU A 444 2.16 -13.70 13.32
N LYS A 445 3.13 -14.41 12.73
CA LYS A 445 4.18 -15.05 13.51
C LYS A 445 5.13 -14.02 14.09
N GLN A 446 5.35 -12.91 13.38
CA GLN A 446 6.17 -11.83 13.93
C GLN A 446 5.41 -11.05 15.00
N TYR A 447 4.17 -11.03 14.84
CA TYR A 447 3.42 -10.34 15.89
C TYR A 447 3.28 -11.22 17.13
N ALA A 448 3.06 -12.52 16.93
CA ALA A 448 2.92 -13.41 18.08
C ALA A 448 4.26 -13.62 18.79
N THR A 449 5.37 -13.55 18.06
CA THR A 449 6.68 -13.65 18.69
C THR A 449 7.03 -12.37 19.44
N CYS A 450 6.74 -11.22 18.83
CA CYS A 450 7.00 -9.93 19.46
C CYS A 450 6.12 -9.72 20.69
N LEU A 451 4.89 -10.25 20.65
CA LEU A 451 4.04 -10.17 21.82
C LEU A 451 4.47 -11.14 22.90
N SER A 452 5.25 -12.18 22.56
CA SER A 452 5.72 -13.11 23.58
C SER A 452 6.84 -12.52 24.43
N ARG A 453 7.53 -11.50 23.93
CA ARG A 453 8.60 -10.90 24.69
C ARG A 453 8.14 -9.62 25.38
N LEU A 454 7.28 -8.87 24.72
CA LEU A 454 6.75 -7.63 25.28
C LEU A 454 5.86 -7.82 26.51
N LEU A 455 5.02 -8.85 26.48
CA LEU A 455 4.09 -9.09 27.56
C LEU A 455 4.65 -9.09 28.98
N PRO A 456 5.75 -9.80 29.23
CA PRO A 456 6.37 -9.83 30.57
C PRO A 456 6.53 -8.46 31.23
N LYS A 457 6.51 -7.36 30.49
CA LYS A 457 6.42 -6.04 31.09
C LYS A 457 5.03 -5.73 31.62
N TYR A 458 4.03 -6.56 31.28
CA TYR A 458 2.64 -6.35 31.68
C TYR A 458 2.12 -7.54 32.49
N ASN A 459 3.02 -8.21 33.20
CA ASN A 459 2.74 -9.32 34.13
C ASN A 459 2.08 -10.52 33.43
N VAL A 460 2.45 -10.77 32.18
CA VAL A 460 2.10 -12.00 31.49
C VAL A 460 3.41 -12.67 31.11
N THR A 461 3.76 -13.75 31.80
CA THR A 461 5.13 -14.27 31.73
C THR A 461 5.40 -14.97 30.39
N GLU A 462 4.60 -15.98 30.04
CA GLU A 462 4.75 -16.67 28.75
C GLU A 462 3.37 -16.87 28.13
N PRO A 463 2.95 -15.95 27.28
CA PRO A 463 1.59 -16.02 26.72
C PRO A 463 1.46 -17.11 25.67
N GLN A 464 0.27 -17.70 25.61
CA GLN A 464 -0.14 -18.57 24.52
C GLN A 464 -1.24 -17.83 23.76
N ILE A 465 -0.92 -17.41 22.54
CA ILE A 465 -1.65 -16.36 21.85
C ILE A 465 -2.41 -16.94 20.68
N TYR A 466 -3.74 -16.80 20.70
CA TYR A 466 -4.60 -17.30 19.64
C TYR A 466 -5.26 -16.12 18.93
N PHE A 467 -5.16 -16.10 17.61
CA PHE A 467 -5.73 -15.04 16.79
C PHE A 467 -6.99 -15.56 16.13
N ASP A 468 -8.09 -14.85 16.31
CA ASP A 468 -9.38 -15.20 15.72
C ASP A 468 -9.78 -14.04 14.82
N ILE A 469 -9.34 -14.10 13.56
CA ILE A 469 -9.42 -12.98 12.63
C ILE A 469 -10.38 -13.35 11.52
N TRP A 470 -11.43 -12.54 11.35
CA TRP A 470 -12.50 -12.81 10.39
C TRP A 470 -12.40 -11.83 9.22
N VAL A 471 -11.97 -12.33 8.06
CA VAL A 471 -11.79 -11.52 6.86
C VAL A 471 -12.70 -12.07 5.77
N SER A 472 -13.25 -11.18 4.94
CA SER A 472 -13.94 -11.54 3.71
C SER A 472 -13.30 -10.78 2.56
N ILE A 473 -12.81 -11.52 1.58
CA ILE A 473 -12.08 -10.94 0.45
C ILE A 473 -13.02 -10.87 -0.75
N ASN A 474 -13.15 -9.66 -1.31
CA ASN A 474 -13.96 -9.35 -2.49
C ASN A 474 -15.43 -9.76 -2.30
N ASP A 475 -16.03 -9.18 -1.27
CA ASP A 475 -17.47 -9.30 -0.96
C ASP A 475 -17.92 -10.74 -0.73
N ARG A 476 -17.03 -11.57 -0.18
CA ARG A 476 -17.35 -12.96 0.11
C ARG A 476 -17.93 -13.06 1.52
N PHE A 477 -18.14 -14.29 1.99
CA PHE A 477 -18.49 -14.53 3.37
C PHE A 477 -17.30 -14.22 4.28
N GLN A 478 -17.60 -13.67 5.45
CA GLN A 478 -16.56 -13.51 6.47
C GLN A 478 -16.22 -14.89 7.04
N GLN A 479 -14.93 -15.22 7.03
CA GLN A 479 -14.48 -16.48 7.59
C GLN A 479 -13.14 -16.26 8.27
N ARG A 480 -12.75 -17.23 9.09
CA ARG A 480 -11.45 -17.19 9.73
C ARG A 480 -10.36 -17.48 8.72
N ILE A 481 -9.38 -16.59 8.62
CA ILE A 481 -8.24 -16.87 7.78
C ILE A 481 -7.20 -17.73 8.50
N PHE A 482 -6.96 -17.47 9.78
CA PHE A 482 -6.04 -18.27 10.57
C PHE A 482 -6.82 -19.15 11.54
N ASP A 483 -6.27 -20.33 11.82
CA ASP A 483 -6.86 -21.29 12.74
C ASP A 483 -6.84 -20.72 14.16
N PRO A 484 -7.99 -20.56 14.82
CA PRO A 484 -8.00 -19.92 16.14
C PRO A 484 -7.67 -20.84 17.31
N ARG A 485 -7.27 -22.08 17.06
CA ARG A 485 -7.00 -23.02 18.14
C ARG A 485 -5.51 -23.27 18.37
N VAL A 486 -4.65 -22.80 17.47
CA VAL A 486 -3.22 -23.08 17.53
C VAL A 486 -2.51 -21.91 18.18
N ASP A 487 -1.51 -22.20 19.01
CA ASP A 487 -0.68 -21.17 19.61
C ASP A 487 0.27 -20.61 18.55
N ILE A 488 0.03 -19.36 18.14
CA ILE A 488 0.79 -18.73 17.06
C ILE A 488 2.22 -18.42 17.47
N VAL A 489 2.52 -18.40 18.77
CA VAL A 489 3.91 -18.25 19.22
C VAL A 489 4.73 -19.48 18.85
N GLN A 490 4.24 -20.66 19.20
CA GLN A 490 4.95 -21.91 18.93
C GLN A 490 4.52 -22.55 17.62
N ALA A 491 3.71 -21.87 16.82
CA ALA A 491 3.29 -22.41 15.53
C ALA A 491 4.45 -22.38 14.54
N ALA A 492 4.42 -23.33 13.61
CA ALA A 492 5.52 -23.53 12.69
C ALA A 492 5.27 -22.80 11.39
N TRP A 493 5.84 -21.60 11.27
CA TRP A 493 5.89 -20.90 10.00
C TRP A 493 7.31 -21.01 9.47
N SER A 494 7.45 -21.42 8.22
CA SER A 494 8.71 -21.46 7.50
C SER A 494 8.51 -20.81 6.15
N PRO A 495 9.50 -20.10 5.62
CA PRO A 495 9.29 -19.31 4.39
C PRO A 495 9.08 -20.15 3.15
N PHE A 496 9.53 -21.40 3.13
CA PHE A 496 9.49 -22.22 1.92
C PHE A 496 8.53 -23.40 2.03
N GLN A 497 7.83 -23.55 3.14
CA GLN A 497 6.81 -24.57 3.30
C GLN A 497 5.46 -23.92 3.54
N ARG A 498 4.40 -24.59 3.10
CA ARG A 498 3.05 -24.04 3.19
C ARG A 498 2.60 -23.96 4.64
N THR A 499 1.89 -22.87 4.96
CA THR A 499 1.45 -22.63 6.33
C THR A 499 0.29 -23.56 6.68
N SER A 500 0.42 -24.29 7.78
CA SER A 500 -0.57 -25.29 8.15
C SER A 500 -1.74 -24.71 8.93
N TRP A 501 -1.62 -23.48 9.45
CA TRP A 501 -2.67 -22.86 10.22
C TRP A 501 -3.36 -21.72 9.48
N VAL A 502 -3.26 -21.69 8.16
CA VAL A 502 -4.03 -20.77 7.35
C VAL A 502 -5.19 -21.55 6.73
N GLN A 503 -6.40 -21.12 7.02
CA GLN A 503 -7.59 -21.80 6.56
C GLN A 503 -7.77 -21.59 5.06
N PRO A 504 -8.29 -22.59 4.34
CA PRO A 504 -8.49 -22.42 2.89
C PRO A 504 -9.63 -21.46 2.61
N LEU A 505 -9.39 -20.57 1.65
CA LEU A 505 -10.42 -19.67 1.17
C LEU A 505 -11.52 -20.48 0.49
N LEU A 506 -12.74 -20.36 1.00
CA LEU A 506 -13.86 -21.17 0.52
C LEU A 506 -14.29 -20.63 -0.84
N MET A 507 -13.64 -21.13 -1.89
CA MET A 507 -13.96 -20.74 -3.26
C MET A 507 -15.21 -21.44 -3.78
N ASP A 508 -15.71 -22.46 -3.08
CA ASP A 508 -16.95 -23.12 -3.46
C ASP A 508 -18.18 -22.34 -3.04
N LEU A 509 -18.02 -21.29 -2.24
CA LEU A 509 -19.12 -20.39 -1.88
C LEU A 509 -19.03 -19.06 -2.60
N SER A 510 -18.24 -18.98 -3.66
CA SER A 510 -18.15 -17.81 -4.52
C SER A 510 -19.37 -17.58 -5.42
N PRO A 511 -20.09 -18.60 -5.94
CA PRO A 511 -21.38 -18.30 -6.59
C PRO A 511 -22.47 -17.77 -5.66
N TRP A 512 -22.29 -17.84 -4.34
CA TRP A 512 -23.26 -17.31 -3.40
C TRP A 512 -23.32 -15.78 -3.40
N ARG A 513 -22.29 -15.11 -3.93
CA ARG A 513 -22.20 -13.65 -3.81
C ARG A 513 -23.26 -12.92 -4.62
N ALA A 514 -23.83 -13.55 -5.65
CA ALA A 514 -24.94 -12.93 -6.36
C ALA A 514 -26.20 -12.93 -5.52
N LYS A 515 -26.35 -13.89 -4.62
CA LYS A 515 -27.46 -13.89 -3.68
C LYS A 515 -27.21 -12.96 -2.50
N LEU A 516 -25.94 -12.72 -2.16
CA LEU A 516 -25.63 -11.87 -1.01
C LEU A 516 -25.95 -10.40 -1.29
N GLN A 517 -25.90 -9.98 -2.56
CA GLN A 517 -26.34 -8.64 -2.91
C GLN A 517 -27.85 -8.55 -2.95
N GLU A 518 -28.54 -9.69 -3.04
CA GLU A 518 -30.00 -9.68 -3.00
C GLU A 518 -30.52 -9.56 -1.57
N ILE A 519 -29.84 -10.19 -0.61
CA ILE A 519 -30.25 -10.09 0.78
C ILE A 519 -29.87 -8.73 1.36
N LYS A 520 -28.73 -8.19 0.93
CA LYS A 520 -28.32 -6.86 1.40
C LYS A 520 -29.22 -5.77 0.84
N SER A 521 -29.79 -5.97 -0.35
CA SER A 521 -30.71 -4.99 -0.92
C SER A 521 -32.11 -5.10 -0.34
N SER A 522 -32.46 -6.24 0.25
CA SER A 522 -33.79 -6.46 0.79
C SER A 522 -34.01 -5.82 2.15
N LEU A 523 -33.01 -5.16 2.71
CA LEU A 523 -33.12 -4.56 4.03
C LEU A 523 -33.27 -3.05 3.92
N ASP A 524 -33.92 -2.47 4.93
CA ASP A 524 -34.18 -1.04 4.95
C ASP A 524 -32.96 -0.29 5.47
N ASN A 525 -33.14 1.00 5.78
CA ASN A 525 -32.04 1.85 6.21
C ASN A 525 -31.59 1.56 7.64
N HIS A 526 -32.35 0.78 8.40
CA HIS A 526 -32.05 0.52 9.80
C HIS A 526 -31.38 -0.83 10.05
N THR A 527 -31.61 -1.80 9.16
CA THR A 527 -31.15 -3.16 9.38
C THR A 527 -29.85 -3.42 8.62
N GLU A 528 -28.85 -3.92 9.33
CA GLU A 528 -27.55 -4.25 8.76
C GLU A 528 -27.34 -5.76 8.86
N VAL A 529 -26.64 -6.33 7.88
CA VAL A 529 -26.46 -7.78 7.82
C VAL A 529 -24.96 -8.07 7.75
N VAL A 530 -24.56 -9.21 8.31
CA VAL A 530 -23.18 -9.68 8.30
C VAL A 530 -23.20 -11.14 7.89
N PHE A 531 -22.52 -11.47 6.81
CA PHE A 531 -22.53 -12.82 6.25
C PHE A 531 -21.29 -13.56 6.72
N ILE A 532 -21.47 -14.78 7.23
CA ILE A 532 -20.41 -15.52 7.90
C ILE A 532 -20.47 -16.97 7.45
N ALA A 533 -19.31 -17.51 7.05
CA ALA A 533 -19.15 -18.94 6.79
C ALA A 533 -18.15 -19.51 7.77
N ASP A 534 -18.54 -20.56 8.49
CA ASP A 534 -17.69 -21.18 9.49
C ASP A 534 -17.42 -22.63 9.12
N PHE A 535 -16.21 -23.07 9.37
CA PHE A 535 -15.73 -24.40 9.02
C PHE A 535 -16.35 -25.46 9.92
N PRO A 536 -16.36 -26.72 9.49
CA PRO A 536 -16.80 -27.79 10.39
C PRO A 536 -15.88 -27.96 11.60
N GLY A 537 -16.51 -28.21 12.75
CA GLY A 537 -15.78 -28.42 13.99
C GLY A 537 -15.51 -27.17 14.78
N LEU A 538 -15.68 -25.99 14.20
CA LEU A 538 -15.42 -24.74 14.88
C LEU A 538 -16.72 -24.14 15.41
N HIS A 539 -16.58 -23.06 16.18
CA HIS A 539 -17.72 -22.32 16.68
C HIS A 539 -17.34 -20.84 16.75
N LEU A 540 -18.36 -20.00 16.78
CA LEU A 540 -18.19 -18.55 16.90
C LEU A 540 -18.84 -18.11 18.20
N GLU A 541 -18.01 -17.73 19.16
CA GLU A 541 -18.52 -17.13 20.40
C GLU A 541 -18.68 -15.64 20.17
N ASN A 542 -19.93 -15.18 20.16
CA ASN A 542 -20.26 -13.78 19.91
C ASN A 542 -20.97 -13.21 21.12
N PHE A 543 -20.72 -11.93 21.37
CA PHE A 543 -21.39 -11.20 22.44
C PHE A 543 -22.24 -10.11 21.79
N VAL A 544 -23.54 -10.34 21.71
CA VAL A 544 -24.46 -9.32 21.24
C VAL A 544 -24.53 -8.23 22.30
N SER A 545 -24.41 -6.98 21.85
CA SER A 545 -24.47 -5.87 22.79
C SER A 545 -25.89 -5.66 23.30
N GLU A 546 -26.01 -4.84 24.35
CA GLU A 546 -27.33 -4.38 24.78
C GLU A 546 -27.90 -3.36 23.81
N ASP A 547 -27.05 -2.77 22.98
CA ASP A 547 -27.50 -1.82 21.96
C ASP A 547 -28.31 -2.52 20.87
N LEU A 548 -27.96 -3.77 20.56
CA LEU A 548 -28.55 -4.48 19.43
C LEU A 548 -29.72 -5.35 19.89
N GLY A 549 -30.86 -4.70 20.08
CA GLY A 549 -32.10 -5.42 20.18
C GLY A 549 -32.58 -5.92 18.82
N ASN A 550 -33.32 -7.02 18.86
CA ASN A 550 -33.87 -7.68 17.67
C ASN A 550 -32.76 -8.08 16.68
N THR A 551 -31.91 -9.00 17.14
CA THR A 551 -30.94 -9.65 16.28
C THR A 551 -31.43 -11.05 15.94
N SER A 552 -31.14 -11.49 14.72
CA SER A 552 -31.57 -12.81 14.31
C SER A 552 -30.48 -13.46 13.46
N ILE A 553 -30.41 -14.78 13.54
CA ILE A 553 -29.48 -15.57 12.76
C ILE A 553 -30.29 -16.51 11.86
N GLN A 554 -29.98 -16.51 10.57
CA GLN A 554 -30.65 -17.37 9.61
C GLN A 554 -29.60 -18.22 8.92
N LEU A 555 -29.87 -19.51 8.80
CA LEU A 555 -28.92 -20.44 8.21
C LEU A 555 -29.16 -20.57 6.72
N LEU A 556 -28.14 -20.22 5.93
CA LEU A 556 -28.26 -20.25 4.47
C LEU A 556 -27.93 -21.62 3.90
N GLN A 557 -26.88 -22.27 4.42
CA GLN A 557 -26.45 -23.56 3.92
C GLN A 557 -25.81 -24.33 5.06
N GLY A 558 -26.15 -25.61 5.17
CA GLY A 558 -25.50 -26.47 6.14
C GLY A 558 -26.35 -26.75 7.37
N GLU A 559 -25.70 -26.80 8.53
CA GLU A 559 -26.39 -27.07 9.78
C GLU A 559 -25.57 -26.51 10.94
N VAL A 560 -26.10 -25.49 11.60
CA VAL A 560 -25.48 -24.93 12.79
C VAL A 560 -26.41 -25.15 13.98
N THR A 561 -25.79 -25.25 15.16
CA THR A 561 -26.51 -25.35 16.42
C THR A 561 -26.11 -24.19 17.30
N VAL A 562 -27.02 -23.24 17.47
CA VAL A 562 -26.75 -22.00 18.20
C VAL A 562 -26.99 -22.24 19.68
N GLU A 563 -25.96 -21.99 20.48
CA GLU A 563 -26.02 -22.20 21.92
C GLU A 563 -26.21 -20.86 22.62
N LEU A 564 -27.23 -20.77 23.47
CA LEU A 564 -27.37 -19.64 24.37
C LEU A 564 -26.59 -19.97 25.64
N VAL A 565 -25.64 -19.11 26.00
CA VAL A 565 -24.71 -19.43 27.08
C VAL A 565 -25.38 -19.27 28.44
N ALA A 566 -26.15 -18.20 28.63
CA ALA A 566 -26.76 -17.94 29.93
C ALA A 566 -27.92 -18.89 30.20
N GLU A 567 -28.78 -19.11 29.21
CA GLU A 567 -29.89 -20.03 29.38
C GLU A 567 -29.47 -21.50 29.31
N GLN A 568 -28.27 -21.78 28.80
CA GLN A 568 -27.70 -23.14 28.66
C GLN A 568 -28.62 -24.05 27.84
N LYS A 569 -29.06 -23.53 26.69
CA LYS A 569 -30.00 -24.23 25.83
C LYS A 569 -29.53 -24.14 24.38
N ASN A 570 -29.48 -25.29 23.72
CA ASN A 570 -29.09 -25.38 22.32
C ASN A 570 -30.31 -25.30 21.42
N GLN A 571 -30.05 -25.04 20.13
CA GLN A 571 -31.09 -24.96 19.12
C GLN A 571 -30.48 -25.27 17.77
N THR A 572 -30.93 -26.36 17.15
CA THR A 572 -30.41 -26.77 15.84
C THR A 572 -31.21 -26.08 14.74
N LEU A 573 -30.49 -25.38 13.86
CA LEU A 573 -31.11 -24.63 12.77
C LEU A 573 -31.14 -25.47 11.49
N ARG A 574 -32.19 -25.28 10.71
CA ARG A 574 -32.29 -25.84 9.37
C ARG A 574 -32.04 -24.75 8.34
N GLU A 575 -32.01 -25.15 7.07
CA GLU A 575 -31.71 -24.22 5.99
C GLU A 575 -32.86 -23.24 5.80
N GLY A 576 -32.56 -21.95 5.98
CA GLY A 576 -33.56 -20.91 5.91
C GLY A 576 -34.23 -20.56 7.22
N GLU A 577 -34.00 -21.35 8.27
CA GLU A 577 -34.67 -21.13 9.54
C GLU A 577 -34.04 -19.96 10.29
N LYS A 578 -34.88 -19.10 10.86
CA LYS A 578 -34.43 -17.92 11.57
C LYS A 578 -34.59 -18.12 13.07
N MET A 579 -33.63 -17.60 13.83
CA MET A 579 -33.66 -17.72 15.28
C MET A 579 -33.34 -16.38 15.91
N GLN A 580 -34.20 -15.92 16.81
CA GLN A 580 -33.99 -14.65 17.51
C GLN A 580 -32.98 -14.83 18.64
N LEU A 581 -32.01 -13.91 18.70
CA LEU A 581 -30.93 -13.97 19.66
C LEU A 581 -31.11 -12.92 20.76
N PRO A 582 -30.72 -13.23 22.00
CA PRO A 582 -30.86 -12.25 23.08
C PRO A 582 -29.85 -11.13 22.97
N ALA A 583 -30.28 -9.94 23.40
CA ALA A 583 -29.44 -8.76 23.42
C ALA A 583 -28.72 -8.66 24.76
N GLY A 584 -27.50 -8.14 24.73
CA GLY A 584 -26.74 -7.96 25.95
C GLY A 584 -26.21 -9.24 26.57
N GLU A 585 -26.14 -10.32 25.81
CA GLU A 585 -25.74 -11.62 26.34
C GLU A 585 -24.78 -12.29 25.38
N TYR A 586 -24.37 -13.50 25.74
CA TYR A 586 -23.49 -14.33 24.94
C TYR A 586 -24.31 -15.30 24.09
N HIS A 587 -23.74 -15.70 22.96
CA HIS A 587 -24.25 -16.83 22.20
C HIS A 587 -23.11 -17.43 21.40
N LYS A 588 -23.18 -18.75 21.21
CA LYS A 588 -22.18 -19.48 20.44
C LYS A 588 -22.89 -20.24 19.32
N VAL A 589 -22.30 -20.19 18.12
CA VAL A 589 -22.87 -20.83 16.94
C VAL A 589 -21.95 -21.99 16.57
N TYR A 590 -22.32 -23.20 16.97
CA TYR A 590 -21.52 -24.38 16.69
C TYR A 590 -21.88 -24.92 15.31
N THR A 591 -20.88 -24.99 14.42
CA THR A 591 -21.08 -25.56 13.09
C THR A 591 -20.90 -27.07 13.17
N THR A 592 -21.95 -27.81 12.86
CA THR A 592 -21.94 -29.26 12.97
C THR A 592 -22.15 -29.97 11.64
N SER A 593 -22.19 -29.24 10.54
CA SER A 593 -22.35 -29.85 9.24
C SER A 593 -21.00 -30.33 8.71
N PRO A 594 -20.98 -31.37 7.88
CA PRO A 594 -19.71 -31.78 7.25
C PRO A 594 -19.23 -30.81 6.19
N SER A 595 -20.12 -30.00 5.63
CA SER A 595 -19.78 -28.92 4.72
C SER A 595 -19.64 -27.62 5.49
N PRO A 596 -18.85 -26.66 4.99
CA PRO A 596 -18.75 -25.37 5.66
C PRO A 596 -20.06 -24.61 5.60
N SER A 597 -20.62 -24.32 6.77
CA SER A 597 -21.97 -23.80 6.90
C SER A 597 -22.00 -22.29 6.71
N CYS A 598 -23.06 -21.80 6.08
CA CYS A 598 -23.25 -20.39 5.81
C CYS A 598 -24.43 -19.87 6.62
N TYR A 599 -24.22 -18.77 7.32
CA TYR A 599 -25.32 -18.12 8.04
C TYR A 599 -25.09 -16.61 8.01
N MET A 600 -26.07 -15.87 8.50
CA MET A 600 -26.00 -14.42 8.47
C MET A 600 -26.58 -13.84 9.75
N TYR A 601 -26.06 -12.67 10.14
CA TYR A 601 -26.51 -11.95 11.31
C TYR A 601 -27.37 -10.78 10.86
N VAL A 602 -28.68 -10.92 10.95
CA VAL A 602 -29.61 -9.86 10.61
C VAL A 602 -29.88 -9.09 11.89
N TYR A 603 -29.18 -7.97 12.07
CA TYR A 603 -29.24 -7.21 13.32
C TYR A 603 -29.63 -5.78 13.04
N VAL A 604 -30.19 -5.12 14.05
CA VAL A 604 -30.55 -3.71 14.00
C VAL A 604 -30.18 -3.07 15.33
N ASN A 605 -29.54 -1.90 15.26
CA ASN A 605 -29.16 -1.16 16.47
C ASN A 605 -30.38 -0.40 16.95
N THR A 606 -30.99 -0.88 18.04
CA THR A 606 -32.20 -0.26 18.57
C THR A 606 -31.92 1.02 19.33
N THR A 607 -30.77 1.13 19.99
CA THR A 607 -30.43 2.38 20.66
C THR A 607 -30.05 3.45 19.64
N GLU A 608 -29.54 3.05 18.47
CA GLU A 608 -29.39 3.99 17.37
C GLU A 608 -30.75 4.40 16.83
N LEU A 609 -31.73 3.54 16.89
CA LEU A 609 -33.02 3.96 16.45
C LEU A 609 -33.54 4.90 17.49
N ALA A 610 -33.62 4.44 18.73
CA ALA A 610 -34.18 5.27 19.80
C ALA A 610 -33.48 6.61 19.94
N LEU A 611 -32.22 6.72 19.50
CA LEU A 611 -31.58 8.02 19.42
C LEU A 611 -32.16 8.84 18.26
N GLU A 612 -32.22 8.24 17.07
CA GLU A 612 -32.64 9.00 15.89
C GLU A 612 -34.15 9.23 15.80
N GLN A 613 -35.00 8.41 16.44
CA GLN A 613 -36.41 8.76 16.42
C GLN A 613 -36.73 9.81 17.47
N ASP A 614 -35.88 9.94 18.48
CA ASP A 614 -35.99 11.03 19.45
C ASP A 614 -35.23 12.26 18.99
N LEU A 615 -34.22 12.08 18.13
CA LEU A 615 -33.57 13.23 17.52
C LEU A 615 -34.47 13.84 16.46
N ALA A 616 -35.24 13.03 15.74
CA ALA A 616 -36.18 13.56 14.76
C ALA A 616 -37.43 14.11 15.43
N TYR A 617 -37.64 13.79 16.70
CA TYR A 617 -38.76 14.36 17.43
C TYR A 617 -38.52 15.83 17.76
N LEU A 618 -37.34 16.17 18.27
CA LEU A 618 -37.06 17.57 18.57
C LEU A 618 -36.41 18.29 17.40
N GLN A 619 -36.11 17.59 16.30
CA GLN A 619 -35.72 18.28 15.08
C GLN A 619 -36.90 19.02 14.47
N GLU A 620 -38.10 18.44 14.55
CA GLU A 620 -39.29 19.15 14.10
C GLU A 620 -39.88 20.02 15.21
N LEU A 621 -39.61 19.70 16.48
CA LEU A 621 -40.11 20.53 17.56
C LEU A 621 -39.35 21.85 17.66
N LYS A 622 -38.08 21.87 17.24
CA LYS A 622 -37.30 23.10 17.26
C LYS A 622 -37.79 24.09 16.22
N GLU A 623 -38.25 23.62 15.06
CA GLU A 623 -38.63 24.53 13.99
C GLU A 623 -40.08 24.99 14.06
N LYS A 624 -40.88 24.50 15.01
CA LYS A 624 -42.22 25.05 15.18
C LYS A 624 -42.23 26.39 15.90
N VAL A 625 -41.19 26.67 16.70
CA VAL A 625 -41.16 27.94 17.42
C VAL A 625 -40.71 29.09 16.53
N THR A 653 -30.27 15.48 29.41
CA THR A 653 -29.35 16.47 28.86
C THR A 653 -28.00 16.04 28.22
N PRO A 654 -27.61 14.74 28.22
CA PRO A 654 -26.64 14.32 27.18
C PRO A 654 -27.23 14.25 25.79
N LEU A 655 -28.57 14.23 25.68
CA LEU A 655 -29.21 14.18 24.37
C LEU A 655 -29.02 15.48 23.61
N VAL A 656 -28.94 16.61 24.32
CA VAL A 656 -28.76 17.89 23.65
C VAL A 656 -27.29 18.09 23.27
N GLN A 657 -26.39 17.34 23.91
CA GLN A 657 -24.98 17.46 23.57
C GLN A 657 -24.64 16.71 22.29
N THR A 658 -25.21 15.52 22.11
CA THR A 658 -25.01 14.79 20.85
C THR A 658 -25.83 15.39 19.72
N PHE A 659 -26.87 16.16 20.07
CA PHE A 659 -27.65 16.86 19.05
C PHE A 659 -26.85 18.01 18.46
N LEU A 660 -26.33 18.90 19.30
CA LEU A 660 -25.67 20.12 18.85
C LEU A 660 -24.33 19.87 18.16
N ARG A 661 -23.64 18.79 18.49
CA ARG A 661 -22.38 18.49 17.81
C ARG A 661 -22.63 17.93 16.41
N ARG A 662 -23.81 17.36 16.16
CA ARG A 662 -24.12 16.84 14.84
C ARG A 662 -24.58 17.92 13.87
N GLN A 663 -25.25 18.97 14.36
CA GLN A 663 -25.69 20.03 13.47
C GLN A 663 -24.51 20.90 13.01
N GLN A 664 -23.55 21.17 13.90
CA GLN A 664 -22.33 21.85 13.49
C GLN A 664 -21.42 20.94 12.69
N ARG A 665 -21.60 19.62 12.78
CA ARG A 665 -20.93 18.71 11.87
C ARG A 665 -21.52 18.80 10.47
N LEU A 666 -22.85 18.85 10.38
CA LEU A 666 -23.51 18.94 9.08
C LEU A 666 -23.29 20.27 8.39
N GLN A 667 -23.09 21.36 9.15
CA GLN A 667 -22.69 22.61 8.51
C GLN A 667 -21.21 22.60 8.14
N GLU A 668 -20.42 21.69 8.75
CA GLU A 668 -19.02 21.56 8.38
C GLU A 668 -18.86 20.76 7.09
N ILE A 669 -19.65 19.69 6.92
CA ILE A 669 -19.64 18.93 5.68
C ILE A 669 -20.21 19.76 4.53
N GLU A 670 -21.19 20.62 4.83
CA GLU A 670 -21.75 21.49 3.80
C GLU A 670 -20.75 22.58 3.38
N ARG A 671 -20.05 23.18 4.34
CA ARG A 671 -19.08 24.23 4.04
C ARG A 671 -17.86 23.69 3.32
N ARG A 672 -17.50 22.41 3.54
CA ARG A 672 -16.41 21.78 2.82
C ARG A 672 -16.75 21.53 1.35
N ARG A 673 -18.02 21.51 0.99
CA ARG A 673 -18.40 21.17 -0.37
C ARG A 673 -18.47 22.39 -1.28
N ASN A 674 -18.77 23.58 -0.75
CA ASN A 674 -18.87 24.77 -1.57
C ASN A 674 -17.71 25.74 -1.36
N THR A 675 -16.58 25.26 -0.83
CA THR A 675 -15.40 26.10 -0.77
C THR A 675 -14.83 26.29 -2.18
N PRO A 676 -14.28 27.47 -2.48
CA PRO A 676 -13.74 27.70 -3.83
C PRO A 676 -12.49 26.87 -4.09
N PHE A 677 -12.23 26.67 -5.39
CA PHE A 677 -11.12 25.80 -5.80
C PHE A 677 -9.77 26.46 -5.56
N HIS A 678 -9.74 27.78 -5.45
CA HIS A 678 -8.48 28.47 -5.15
C HIS A 678 -8.12 28.40 -3.67
N GLU A 679 -9.07 28.04 -2.81
CA GLU A 679 -8.79 27.85 -1.39
C GLU A 679 -8.46 26.39 -1.06
N ARG A 680 -8.98 25.44 -1.83
CA ARG A 680 -8.60 24.05 -1.63
C ARG A 680 -7.16 23.81 -2.07
N PHE A 681 -6.68 24.57 -3.05
CA PHE A 681 -5.29 24.43 -3.49
C PHE A 681 -4.35 25.28 -2.66
N PHE A 682 -4.85 26.35 -2.05
CA PHE A 682 -4.01 27.15 -1.16
C PHE A 682 -3.88 26.46 0.20
N ARG A 683 -4.87 25.66 0.58
CA ARG A 683 -4.75 24.84 1.78
C ARG A 683 -3.98 23.56 1.52
N PHE A 684 -3.94 23.10 0.26
CA PHE A 684 -3.16 21.90 -0.07
C PHE A 684 -1.67 22.18 0.02
N LEU A 685 -1.24 23.38 -0.34
CA LEU A 685 0.18 23.71 -0.28
C LEU A 685 0.64 23.97 1.15
N LEU A 686 -0.18 24.64 1.97
CA LEU A 686 0.19 24.83 3.37
C LEU A 686 0.09 23.53 4.16
N ARG A 687 -0.74 22.60 3.72
CA ARG A 687 -0.68 21.25 4.25
C ARG A 687 0.61 20.56 3.84
N LYS A 688 1.10 20.85 2.63
CA LYS A 688 2.29 20.18 2.13
C LYS A 688 3.57 20.89 2.57
N LEU A 689 3.55 22.22 2.64
CA LEU A 689 4.75 22.94 3.04
C LEU A 689 5.04 22.83 4.53
N TYR A 690 4.06 22.38 5.32
CA TYR A 690 4.32 22.04 6.71
C TYR A 690 4.98 20.67 6.83
N VAL A 691 4.69 19.78 5.88
CA VAL A 691 5.37 18.48 5.83
C VAL A 691 6.84 18.66 5.46
N PHE A 692 7.14 19.59 4.54
CA PHE A 692 8.52 19.82 4.15
C PHE A 692 9.27 20.69 5.16
N ARG A 693 8.55 21.45 5.99
CA ARG A 693 9.20 22.26 7.01
C ARG A 693 9.49 21.44 8.26
N ARG A 694 8.57 20.55 8.64
CA ARG A 694 8.80 19.71 9.81
C ARG A 694 9.84 18.64 9.53
N SER A 695 9.88 18.13 8.31
CA SER A 695 10.87 17.11 7.96
C SER A 695 12.28 17.70 7.89
N PHE A 696 12.39 18.99 7.58
CA PHE A 696 13.70 19.62 7.55
C PHE A 696 14.13 20.11 8.93
N LEU A 697 13.22 20.71 9.69
CA LEU A 697 13.59 21.26 10.98
C LEU A 697 13.80 20.19 12.05
N MET A 698 13.03 19.10 12.01
CA MET A 698 13.29 18.03 12.96
C MET A 698 14.51 17.22 12.59
N THR A 699 14.97 17.31 11.34
CA THR A 699 16.24 16.69 10.96
C THR A 699 17.41 17.40 11.61
N CYS A 700 17.45 18.73 11.52
CA CYS A 700 18.51 19.52 12.16
C CYS A 700 18.42 19.49 13.68
N ILE A 701 17.26 19.13 14.25
CA ILE A 701 17.18 18.94 15.69
C ILE A 701 18.01 17.75 16.13
N SER A 702 17.95 16.66 15.38
CA SER A 702 18.76 15.50 15.72
C SER A 702 20.14 15.52 15.06
N LEU A 703 20.32 16.30 13.99
CA LEU A 703 21.65 16.45 13.44
C LEU A 703 22.53 17.32 14.33
N ARG A 704 21.91 18.22 15.10
CA ARG A 704 22.60 18.86 16.20
C ARG A 704 22.89 17.89 17.34
N ASN A 705 22.06 16.85 17.50
CA ASN A 705 22.27 15.88 18.56
C ASN A 705 23.44 14.95 18.26
N LEU A 706 23.85 14.86 17.00
CA LEU A 706 24.97 14.00 16.63
C LEU A 706 26.29 14.76 16.64
N ILE A 707 26.31 15.96 16.07
CA ILE A 707 27.53 16.74 15.96
C ILE A 707 27.82 17.43 17.28
N LEU A 708 26.90 18.29 17.72
CA LEU A 708 27.09 19.08 18.93
C LEU A 708 26.59 18.37 20.18
N GLY A 709 26.10 17.14 20.06
CA GLY A 709 25.57 16.43 21.20
C GLY A 709 24.16 16.84 21.55
N ARG A 710 23.59 16.12 22.50
CA ARG A 710 22.20 16.33 22.91
C ARG A 710 22.12 17.48 23.89
N PRO A 711 21.18 18.42 23.69
CA PRO A 711 21.04 19.52 24.65
C PRO A 711 20.19 19.13 25.85
N SER A 712 19.87 20.10 26.70
CA SER A 712 18.97 19.87 27.81
C SER A 712 17.54 19.68 27.29
N LEU A 713 16.72 19.00 28.10
CA LEU A 713 15.38 18.63 27.66
C LEU A 713 14.44 19.83 27.60
N GLU A 714 14.70 20.88 28.37
CA GLU A 714 13.89 22.09 28.23
C GLU A 714 14.23 22.84 26.95
N GLN A 715 15.45 22.69 26.45
CA GLN A 715 15.80 23.26 25.15
C GLN A 715 15.25 22.44 24.00
N LEU A 716 15.19 21.12 24.16
CA LEU A 716 14.62 20.26 23.14
C LEU A 716 13.12 20.52 22.95
N ALA A 717 12.44 20.95 24.01
CA ALA A 717 11.05 21.38 23.86
C ALA A 717 10.94 22.65 23.04
N GLN A 718 11.93 23.55 23.15
CA GLN A 718 11.84 24.84 22.47
C GLN A 718 11.96 24.71 20.96
N GLU A 719 12.60 23.65 20.47
CA GLU A 719 12.74 23.45 19.04
C GLU A 719 11.63 22.59 18.44
N VAL A 720 11.15 21.58 19.18
CA VAL A 720 10.14 20.69 18.64
C VAL A 720 8.77 21.36 18.58
N THR A 721 8.43 22.19 19.58
CA THR A 721 7.24 23.03 19.46
C THR A 721 7.42 24.09 18.39
N TYR A 722 8.66 24.52 18.15
CA TYR A 722 8.91 25.39 17.01
C TYR A 722 8.79 24.65 15.69
N ALA A 723 9.29 23.42 15.63
CA ALA A 723 9.24 22.65 14.39
C ALA A 723 7.83 22.16 14.08
N ASN A 724 6.99 22.00 15.10
CA ASN A 724 5.61 21.57 14.91
C ASN A 724 4.67 22.72 14.59
N LEU A 725 5.18 23.94 14.46
CA LEU A 725 4.33 25.09 14.14
C LEU A 725 3.81 24.99 12.71
N ARG A 726 2.52 25.23 12.55
CA ARG A 726 1.96 25.43 11.22
C ARG A 726 2.48 26.75 10.69
N PRO A 727 3.06 26.80 9.48
CA PRO A 727 3.78 28.00 9.03
C PRO A 727 2.91 29.22 8.78
N PHE A 728 1.84 29.08 8.00
CA PHE A 728 0.95 30.19 7.69
C PHE A 728 -0.51 29.90 8.07
N GLU A 729 -0.72 29.07 9.08
CA GLU A 729 -2.07 28.80 9.56
C GLU A 729 -2.28 29.36 10.96
N GLY B 33 -3.49 -2.46 31.54
CA GLY B 33 -4.23 -1.22 31.52
C GLY B 33 -4.89 -0.95 30.18
N ALA B 34 -4.13 -0.37 29.26
CA ALA B 34 -4.63 -0.07 27.92
C ALA B 34 -4.25 -1.13 26.89
N ALA B 35 -3.38 -2.07 27.25
CA ALA B 35 -2.97 -3.12 26.32
C ALA B 35 -3.91 -4.31 26.32
N PHE B 36 -4.81 -4.41 27.30
CA PHE B 36 -5.73 -5.52 27.43
C PHE B 36 -7.16 -5.05 27.17
N VAL B 37 -8.07 -6.02 27.13
CA VAL B 37 -9.48 -5.75 26.91
C VAL B 37 -10.26 -6.82 27.66
N SER B 38 -11.53 -6.54 27.93
CA SER B 38 -12.38 -7.48 28.65
C SER B 38 -13.01 -8.47 27.66
N LYS B 39 -13.71 -9.46 28.20
CA LYS B 39 -14.51 -10.37 27.37
C LYS B 39 -15.95 -9.87 27.23
N GLN B 40 -16.10 -8.59 26.92
CA GLN B 40 -17.38 -8.04 26.53
C GLN B 40 -17.14 -7.11 25.35
N GLU B 41 -15.90 -6.64 25.24
CA GLU B 41 -15.46 -5.78 24.15
C GLU B 41 -14.56 -6.52 23.17
N GLY B 42 -13.90 -7.59 23.62
CA GLY B 42 -13.08 -8.39 22.74
C GLY B 42 -13.82 -9.53 22.06
N SER B 43 -15.01 -9.87 22.55
CA SER B 43 -15.82 -10.92 21.95
C SER B 43 -16.95 -10.36 21.09
N GLU B 44 -16.97 -9.05 20.85
CA GLU B 44 -17.98 -8.43 20.01
C GLU B 44 -17.59 -8.61 18.55
N VAL B 45 -18.37 -9.42 17.82
CA VAL B 45 -18.06 -9.69 16.42
C VAL B 45 -18.55 -8.56 15.53
N VAL B 46 -19.76 -8.09 15.76
CA VAL B 46 -20.37 -7.11 14.87
C VAL B 46 -19.84 -5.70 15.13
N LYS B 47 -19.60 -5.37 16.40
CA LYS B 47 -19.07 -4.07 16.86
C LYS B 47 -19.82 -2.85 16.35
N ASP B 81 -1.92 7.53 9.27
CA ASP B 81 -1.58 8.86 9.78
C ASP B 81 -1.85 8.88 11.28
N GLU B 82 -2.20 7.73 11.85
CA GLU B 82 -2.50 7.73 13.27
C GLU B 82 -1.20 7.71 14.06
N LEU B 83 -0.51 6.56 14.07
CA LEU B 83 0.93 6.40 14.35
C LEU B 83 1.40 6.91 15.72
N ALA B 84 0.49 7.46 16.52
CA ALA B 84 0.83 8.15 17.76
C ALA B 84 -0.14 7.81 18.88
N ASP B 85 -1.18 7.03 18.59
CA ASP B 85 -2.06 6.48 19.62
C ASP B 85 -1.55 5.11 20.06
N HIS B 86 -0.28 5.10 20.44
CA HIS B 86 0.44 3.93 20.88
C HIS B 86 0.22 3.84 22.40
N ILE B 87 0.85 2.88 23.05
CA ILE B 87 0.62 2.73 24.50
C ILE B 87 1.50 3.70 25.28
N GLY B 88 2.82 3.56 25.15
CA GLY B 88 3.72 4.38 25.92
C GLY B 88 4.26 5.54 25.12
N PHE B 89 3.41 6.14 24.28
CA PHE B 89 3.89 7.13 23.33
C PHE B 89 4.22 8.45 24.01
N GLN B 90 3.23 9.05 24.71
CA GLN B 90 3.41 10.39 25.25
C GLN B 90 4.39 10.43 26.42
N GLU B 91 4.66 9.28 27.04
CA GLU B 91 5.74 9.23 28.02
C GLU B 91 7.10 9.09 27.35
N ALA B 92 7.18 8.32 26.26
CA ALA B 92 8.45 8.19 25.55
C ALA B 92 8.70 9.38 24.63
N TYR B 93 7.65 10.13 24.27
CA TYR B 93 7.86 11.33 23.48
C TYR B 93 8.50 12.44 24.32
N ARG B 94 8.06 12.64 25.52
CA ARG B 94 8.65 13.63 26.32
C ARG B 94 9.95 13.19 26.85
N ARG B 95 10.30 11.93 26.85
CA ARG B 95 11.63 11.49 27.24
C ARG B 95 12.65 11.83 26.15
N PHE B 96 12.44 11.31 24.95
CA PHE B 96 13.28 11.65 23.80
C PHE B 96 12.66 12.78 22.98
N TYR B 97 12.23 13.84 23.68
CA TYR B 97 12.04 15.22 23.26
C TYR B 97 11.78 15.98 24.55
N GLY B 98 11.36 17.23 24.47
CA GLY B 98 11.05 17.97 25.68
C GLY B 98 9.58 17.90 26.03
N PRO B 99 9.17 18.65 27.06
CA PRO B 99 7.74 18.71 27.41
C PRO B 99 6.93 19.49 26.38
N VAL B 100 6.65 18.85 25.25
CA VAL B 100 6.02 19.51 24.12
C VAL B 100 4.50 19.42 24.24
C1 NAG C . -24.63 -27.26 22.36
C2 NAG C . -23.95 -27.67 23.65
C3 NAG C . -22.43 -27.52 23.53
C4 NAG C . -21.91 -28.29 22.32
C5 NAG C . -22.69 -27.89 21.06
C6 NAG C . -22.33 -28.72 19.86
C7 NAG C . -25.39 -27.30 25.61
C8 NAG C . -25.79 -26.35 26.70
N2 NAG C . -24.45 -26.86 24.77
O3 NAG C . -21.82 -27.99 24.73
O4 NAG C . -20.54 -27.99 22.11
O5 NAG C . -24.10 -28.05 21.27
O6 NAG C . -23.33 -29.70 19.59
O7 NAG C . -25.91 -28.41 25.49
C1 NAG C . -19.68 -29.09 22.48
C2 NAG C . -18.50 -29.16 21.50
C3 NAG C . -17.54 -30.27 21.91
C4 NAG C . -17.10 -30.08 23.37
C5 NAG C . -18.32 -29.99 24.27
C6 NAG C . -17.97 -29.68 25.71
C7 NAG C . -18.39 -28.82 19.07
C8 NAG C . -19.00 -29.14 17.74
N2 NAG C . -18.97 -29.37 20.13
O3 NAG C . -16.40 -30.25 21.06
O4 NAG C . -16.29 -31.18 23.77
O5 NAG C . -19.19 -28.93 23.82
O6 NAG C . -17.90 -28.28 25.94
O7 NAG C . -17.40 -28.09 19.17
C1 NAG D . -36.83 -7.41 13.77
C2 NAG D . -38.33 -7.13 13.86
C3 NAG D . -39.07 -7.78 12.70
C4 NAG D . -38.46 -7.34 11.37
C5 NAG D . -36.96 -7.59 11.36
C6 NAG D . -36.28 -7.05 10.13
C7 NAG D . -39.23 -6.76 16.12
C8 NAG D . -39.76 -7.40 17.37
N2 NAG D . -38.88 -7.59 15.14
O3 NAG D . -40.45 -7.44 12.75
O4 NAG D . -39.08 -8.05 10.30
O5 NAG D . -36.34 -6.96 12.49
O6 NAG D . -37.16 -7.04 9.00
O7 NAG D . -39.12 -5.54 16.01
C1 NAG E . -25.42 1.49 18.36
C2 NAG E . -23.92 1.13 18.33
C3 NAG E . -23.16 1.91 19.40
C4 NAG E . -23.41 3.40 19.28
C5 NAG E . -24.91 3.67 19.32
C6 NAG E . -25.26 5.12 19.10
C7 NAG E . -23.06 -1.06 17.65
C8 NAG E . -22.94 -2.51 18.00
N2 NAG E . -23.73 -0.30 18.51
O3 NAG E . -21.77 1.64 19.28
O4 NAG E . -22.78 4.10 20.34
O5 NAG E . -25.56 2.94 18.28
O6 NAG E . -25.33 5.83 20.34
O7 NAG E . -22.55 -0.60 16.64
C1 CLR F . 15.24 -7.41 -4.87
C2 CLR F . 14.44 -8.09 -5.98
C3 CLR F . 14.13 -7.09 -7.09
C4 CLR F . 15.44 -6.57 -7.68
C5 CLR F . 16.28 -5.95 -6.58
C6 CLR F . 16.78 -4.72 -6.77
C7 CLR F . 17.60 -4.01 -5.71
C8 CLR F . 18.19 -4.95 -4.67
C9 CLR F . 17.13 -5.96 -4.20
C10 CLR F . 16.55 -6.78 -5.35
C11 CLR F . 17.66 -6.82 -3.06
C12 CLR F . 18.16 -5.96 -1.90
C13 CLR F . 19.24 -4.97 -2.32
C14 CLR F . 18.67 -4.14 -3.47
C15 CLR F . 19.72 -3.08 -3.72
C16 CLR F . 20.09 -2.71 -2.29
C17 CLR F . 19.63 -3.84 -1.36
C18 CLR F . 20.50 -5.72 -2.74
C19 CLR F . 17.53 -7.88 -5.77
C20 CLR F . 20.66 -4.11 -0.24
C21 CLR F . 20.12 -4.94 0.92
C22 CLR F . 21.22 -2.78 0.30
C23 CLR F . 21.83 -2.80 1.69
C24 CLR F . 21.19 -1.73 2.57
C25 CLR F . 21.53 -1.93 4.04
C26 CLR F . 21.09 -3.31 4.53
C27 CLR F . 23.02 -1.70 4.30
O1 CLR F . 13.40 -7.73 -8.13
N POV G . 10.79 1.03 -32.62
P POV G . 15.00 0.97 -30.43
C1 POV G . 15.24 -1.52 -29.69
C2 POV G . 15.52 -2.28 -28.39
C3 POV G . 16.64 -3.28 -28.63
C210 POV G . 6.45 -7.35 -28.24
C310 POV G . 14.56 -11.28 -21.52
C11 POV G . 12.44 1.00 -30.78
O11 POV G . 14.78 -0.24 -29.36
C211 POV G . 6.98 -7.83 -29.59
C311 POV G . 14.58 -12.78 -21.82
C12 POV G . 12.18 0.80 -32.27
O12 POV G . 13.58 1.79 -30.62
C212 POV G . 6.45 -9.23 -29.87
C312 POV G . 14.75 -13.00 -23.32
C13 POV G . 10.38 2.37 -32.27
O13 POV G . 15.50 0.48 -31.71
C213 POV G . 7.04 -9.75 -31.17
C14 POV G . 9.94 0.07 -31.94
O14 POV G . 16.07 1.87 -30.03
C214 POV G . 6.55 -8.89 -32.33
C15 POV G . 10.62 0.86 -34.05
C215 POV G . 7.11 -9.43 -33.64
C216 POV G . 6.27 -8.92 -34.81
C217 POV G . 6.64 -9.69 -36.08
C218 POV G . 5.49 -9.59 -37.09
C21 POV G . 13.74 -2.46 -26.88
O21 POV G . 14.37 -2.98 -28.02
C22 POV G . 13.21 -3.40 -25.81
O22 POV G . 13.62 -1.29 -26.75
C23 POV G . 11.91 -2.81 -25.27
C24 POV G . 11.23 -3.84 -24.35
C25 POV G . 9.72 -3.66 -24.46
C26 POV G . 9.08 -5.01 -24.70
C27 POV G . 7.97 -4.86 -25.73
C28 POV G . 7.61 -6.24 -26.29
C29 POV G . 7.14 -6.09 -27.73
C31 POV G . 17.01 -5.52 -28.00
O31 POV G . 16.12 -4.57 -28.52
C32 POV G . 16.66 -7.00 -28.04
O32 POV G . 18.04 -5.17 -27.52
C33 POV G . 17.30 -7.71 -26.85
C34 POV G . 16.21 -8.23 -25.91
C35 POV G . 16.34 -7.55 -24.55
C36 POV G . 15.01 -7.65 -23.81
C37 POV G . 14.68 -9.11 -23.54
C38 POV G . 13.59 -9.19 -22.47
C39 POV G . 13.31 -10.67 -22.14
C01 A1AT1 H . -13.41 -0.91 -22.75
C02 A1AT1 H . -13.52 0.61 -22.63
C03 A1AT1 H . -12.51 1.43 -22.24
C04 A1AT1 H . -12.44 3.00 -22.01
C05 A1AT1 H . -11.15 3.83 -21.53
C06 A1AT1 H . -10.13 3.50 -20.36
C07 A1AT1 H . -10.43 3.28 -19.09
C08 A1AT1 H . -9.42 2.99 -17.94
C09 A1AT1 H . -10.07 3.63 -16.70
C10 A1AT1 H . -9.41 3.59 -15.31
C11 A1AT1 H . -9.37 2.53 -14.60
C12 A1AT1 H . -8.71 2.52 -13.22
C13 A1AT1 H . -8.79 1.08 -12.64
C14 A1AT1 H . -7.53 0.36 -12.23
C15 A1AT1 H . -6.66 0.73 -11.31
C16 A1AT1 H . -5.31 0.06 -10.83
C17 A1AT1 H . -3.81 0.54 -11.04
C18 A1AT1 H . -3.23 -0.31 -12.07
O19 A1AT1 H . -3.72 -1.30 -12.40
C20 A1AT1 H . -1.85 -0.03 -12.66
C21 A1AT1 H . -1.28 -1.04 -13.44
C22 A1AT1 H . -0.05 -0.78 -13.93
C23 A1AT1 H . 0.62 0.36 -13.68
C24 A1AT1 H . 0.09 1.33 -12.92
C25 A1AT1 H . -1.16 1.14 -12.40
C26 A1AT1 H . -1.79 2.21 -11.54
O27 A1AT1 H . -1.25 3.30 -11.56
C28 A1AT1 H . -3.04 1.79 -10.76
O29 A1AT1 H . -3.65 1.06 -9.71
C30 A1AT1 H . -4.02 2.98 -10.99
C31 A1AT1 H . -7.39 -0.84 -13.00
C32 A1AT1 H . -8.87 4.77 -14.59
C33 A1AT1 H . -8.62 3.44 -20.60
C34 A1AT1 H . -14.90 1.10 -22.99
#